data_4QFV
#
_entry.id   4QFV
#
_cell.length_a   66.669
_cell.length_b   92.748
_cell.length_c   69.636
_cell.angle_alpha   90.00
_cell.angle_beta   91.39
_cell.angle_gamma   90.00
#
_symmetry.space_group_name_H-M   'P 1 21 1'
#
loop_
_entity.id
_entity.type
_entity.pdbx_description
1 polymer ANK-N5C-281
2 non-polymer 'ACETATE ION'
3 water water
#
_entity_poly.entity_id   1
_entity_poly.type   'polypeptide(L)'
_entity_poly.pdbx_seq_one_letter_code
;MSMDIGKKLLEAARAGHDDSVEVLLKKGADINAKDNSGRTPLHVAALNGHLELVKLLLEKGADINARDMFGLTPLHTAAS
NGHLELVKLLLEKGADINARDEDGSTPLHLAASNGHLELVKLLLEKGADINAEDHSGTTPLHFAAKNGHLELVKLLLEKG
ADINASDFSGPTPLHSAAENGHLELVKLLLEKGADINARDKFGKTPFDLAIDNGNEDIAEVLQKAARSHHHHHH
;
_entity_poly.pdbx_strand_id   A,B,C,D
#
loop_
_chem_comp.id
_chem_comp.type
_chem_comp.name
_chem_comp.formula
ACT non-polymer 'ACETATE ION' 'C2 H3 O2 -1'
#
# COMPACT_ATOMS: atom_id res chain seq x y z
N MET A 1 46.38 10.86 27.22
CA MET A 1 45.56 11.65 26.31
C MET A 1 44.06 11.42 26.57
N SER A 2 43.22 12.00 25.72
CA SER A 2 41.77 11.96 25.95
C SER A 2 41.07 10.76 25.32
N MET A 3 40.21 10.16 26.13
CA MET A 3 39.38 9.02 25.76
C MET A 3 38.24 8.92 26.76
N ASP A 4 37.01 9.11 26.29
CA ASP A 4 35.86 9.09 27.18
C ASP A 4 35.72 7.68 27.73
N ILE A 5 35.64 7.55 29.05
CA ILE A 5 35.57 6.22 29.65
C ILE A 5 34.24 5.51 29.40
N GLY A 6 33.20 6.25 29.10
CA GLY A 6 31.95 5.61 28.80
C GLY A 6 32.10 4.90 27.47
N LYS A 7 32.81 5.53 26.55
CA LYS A 7 33.07 4.97 25.25
C LYS A 7 34.04 3.79 25.38
N LYS A 8 34.97 3.87 26.33
CA LYS A 8 35.82 2.73 26.60
C LYS A 8 35.01 1.59 27.20
N LEU A 9 34.07 1.91 28.08
CA LEU A 9 33.19 0.89 28.61
C LEU A 9 32.37 0.22 27.50
N LEU A 10 31.86 1.02 26.57
CA LEU A 10 31.07 0.45 25.48
C LEU A 10 31.90 -0.44 24.58
N GLU A 11 33.11 0.00 24.23
CA GLU A 11 34.00 -0.80 23.40
C GLU A 11 34.36 -2.11 24.09
N ALA A 12 34.64 -2.03 25.39
CA ALA A 12 35.02 -3.23 26.13
C ALA A 12 33.85 -4.22 26.21
N ALA A 13 32.64 -3.70 26.44
CA ALA A 13 31.48 -4.57 26.55
C ALA A 13 31.16 -5.25 25.23
N ARG A 14 31.40 -4.54 24.13
CA ARG A 14 31.10 -5.08 22.82
C ARG A 14 32.09 -6.19 22.44
N ALA A 15 33.36 -5.99 22.81
CA ALA A 15 34.40 -6.98 22.49
C ALA A 15 34.45 -8.11 23.51
N GLY A 16 33.64 -8.00 24.54
CA GLY A 16 33.55 -9.02 25.57
C GLY A 16 34.76 -9.12 26.48
N HIS A 17 35.35 -7.99 26.82
CA HIS A 17 36.49 -8.00 27.74
C HIS A 17 36.03 -7.65 29.15
N ASP A 18 35.72 -8.69 29.91
CA ASP A 18 35.14 -8.57 31.25
C ASP A 18 36.09 -7.84 32.17
N ASP A 19 37.39 -8.06 31.94
CA ASP A 19 38.40 -7.50 32.83
C ASP A 19 38.45 -5.98 32.67
N SER A 20 38.42 -5.49 31.43
CA SER A 20 38.35 -4.05 31.22
C SER A 20 37.06 -3.43 31.74
N VAL A 21 35.95 -4.13 31.53
CA VAL A 21 34.65 -3.63 32.01
C VAL A 21 34.70 -3.45 33.54
N GLU A 22 35.23 -4.45 34.25
CA GLU A 22 35.36 -4.36 35.70
C GLU A 22 36.13 -3.13 36.15
N VAL A 23 37.27 -2.89 35.51
CA VAL A 23 38.12 -1.76 35.84
C VAL A 23 37.40 -0.43 35.55
N LEU A 24 36.75 -0.34 34.40
CA LEU A 24 36.10 0.89 34.01
C LEU A 24 34.93 1.22 34.92
N LEU A 25 34.19 0.20 35.34
CA LEU A 25 33.10 0.42 36.29
C LEU A 25 33.62 0.88 37.63
N LYS A 26 34.72 0.29 38.10
CA LYS A 26 35.34 0.77 39.35
C LYS A 26 35.81 2.22 39.26
N LYS A 27 36.31 2.60 38.08
CA LYS A 27 36.77 3.96 37.87
C LYS A 27 35.59 4.90 37.60
N GLY A 28 34.38 4.41 37.81
CA GLY A 28 33.18 5.22 37.69
C GLY A 28 32.55 5.44 36.33
N ALA A 29 32.78 4.53 35.37
CA ALA A 29 32.10 4.71 34.09
C ALA A 29 30.61 4.47 34.34
N ASP A 30 29.79 5.21 33.60
CA ASP A 30 28.34 5.11 33.66
C ASP A 30 27.91 3.75 33.10
N ILE A 31 27.33 2.90 33.94
CA ILE A 31 26.99 1.56 33.51
C ILE A 31 25.92 1.59 32.40
N ASN A 32 25.16 2.68 32.34
CA ASN A 32 24.15 2.84 31.31
C ASN A 32 24.57 3.83 30.23
N ALA A 33 25.87 4.01 30.06
CA ALA A 33 26.37 4.89 29.01
C ALA A 33 25.86 4.39 27.65
N LYS A 34 25.48 5.31 26.77
CA LYS A 34 24.98 4.92 25.45
C LYS A 34 25.92 5.35 24.31
N ASP A 35 26.07 4.52 23.27
CA ASP A 35 26.89 4.96 22.14
C ASP A 35 26.05 5.90 21.24
N ASN A 36 26.59 6.23 20.06
CA ASN A 36 25.93 7.11 19.11
C ASN A 36 24.59 6.60 18.58
N SER A 37 24.36 5.29 18.70
CA SER A 37 23.10 4.68 18.32
C SER A 37 22.21 4.41 19.54
N GLY A 38 22.61 4.89 20.71
CA GLY A 38 21.81 4.73 21.92
C GLY A 38 21.97 3.37 22.58
N ARG A 39 22.93 2.58 22.09
CA ARG A 39 23.15 1.26 22.68
C ARG A 39 23.93 1.38 23.98
N THR A 40 23.52 0.63 25.00
CA THR A 40 24.23 0.58 26.27
C THR A 40 25.22 -0.58 26.23
N PRO A 41 26.12 -0.67 27.24
CA PRO A 41 27.01 -1.84 27.32
C PRO A 41 26.22 -3.14 27.33
N LEU A 42 25.03 -3.11 27.95
CA LEU A 42 24.16 -4.27 27.99
C LEU A 42 23.68 -4.66 26.60
N HIS A 43 23.36 -3.65 25.79
CA HIS A 43 22.92 -3.89 24.42
C HIS A 43 24.02 -4.57 23.61
N VAL A 44 25.21 -3.97 23.62
CA VAL A 44 26.29 -4.45 22.79
C VAL A 44 26.79 -5.80 23.28
N ALA A 45 26.74 -6.03 24.58
CA ALA A 45 27.10 -7.31 25.14
C ALA A 45 26.08 -8.39 24.75
N ALA A 46 24.79 -8.04 24.78
CA ALA A 46 23.76 -8.98 24.37
C ALA A 46 23.93 -9.32 22.90
N LEU A 47 24.38 -8.34 22.13
CA LEU A 47 24.56 -8.51 20.69
C LEU A 47 25.54 -9.63 20.37
N ASN A 48 26.69 -9.60 21.06
CA ASN A 48 27.74 -10.53 20.76
C ASN A 48 27.73 -11.76 21.66
N GLY A 49 26.64 -11.91 22.40
CA GLY A 49 26.40 -13.10 23.21
C GLY A 49 27.37 -13.31 24.34
N HIS A 50 27.83 -12.23 24.97
CA HIS A 50 28.77 -12.31 26.09
C HIS A 50 28.06 -12.49 27.42
N LEU A 51 27.76 -13.71 27.77
CA LEU A 51 26.96 -14.00 28.88
C LEU A 51 27.50 -13.54 30.22
N GLU A 52 28.73 -13.91 30.55
CA GLU A 52 29.31 -13.51 31.83
C GLU A 52 29.43 -12.00 31.94
N LEU A 53 29.73 -11.34 30.82
CA LEU A 53 29.83 -9.89 30.84
C LEU A 53 28.46 -9.26 31.12
N VAL A 54 27.40 -9.87 30.58
CA VAL A 54 26.04 -9.42 30.84
C VAL A 54 25.68 -9.69 32.31
N LYS A 55 26.18 -10.79 32.86
CA LYS A 55 25.95 -11.06 34.28
C LYS A 55 26.55 -10.01 35.16
N LEU A 56 27.77 -9.59 34.82
CA LEU A 56 28.47 -8.56 35.57
C LEU A 56 27.76 -7.23 35.47
N LEU A 57 27.36 -6.86 34.25
CA LEU A 57 26.66 -5.60 34.03
C LEU A 57 25.38 -5.55 34.85
N LEU A 58 24.62 -6.63 34.81
CA LEU A 58 23.36 -6.71 35.55
C LEU A 58 23.57 -6.62 37.06
N GLU A 59 24.57 -7.33 37.56
CA GLU A 59 24.77 -7.34 39.00
C GLU A 59 25.27 -5.97 39.47
N LYS A 60 25.86 -5.20 38.56
CA LYS A 60 26.34 -3.87 38.91
C LYS A 60 25.28 -2.82 38.62
N GLY A 61 24.06 -3.26 38.34
CA GLY A 61 22.91 -2.37 38.26
C GLY A 61 22.51 -1.82 36.89
N ALA A 62 22.89 -2.51 35.81
CA ALA A 62 22.53 -2.03 34.48
C ALA A 62 21.00 -2.02 34.28
N ASP A 63 20.54 -1.06 33.49
CA ASP A 63 19.12 -0.92 33.19
C ASP A 63 18.73 -1.99 32.20
N ILE A 64 17.98 -2.98 32.68
CA ILE A 64 17.68 -4.15 31.86
C ILE A 64 16.75 -3.78 30.71
N ASN A 65 15.97 -2.72 30.90
CA ASN A 65 15.04 -2.31 29.87
C ASN A 65 15.42 -1.03 29.13
N ALA A 66 16.70 -0.70 29.11
CA ALA A 66 17.18 0.44 28.33
C ALA A 66 16.78 0.30 26.86
N ARG A 67 16.61 1.42 26.18
CA ARG A 67 16.18 1.42 24.79
C ARG A 67 17.26 2.04 23.90
N ASP A 68 17.57 1.45 22.75
CA ASP A 68 18.47 2.11 21.80
C ASP A 68 17.67 3.06 20.89
N MET A 69 18.31 3.59 19.85
CA MET A 69 17.64 4.57 19.00
C MET A 69 16.44 3.94 18.27
N PHE A 70 16.46 2.62 18.13
CA PHE A 70 15.39 1.94 17.42
C PHE A 70 14.34 1.38 18.38
N GLY A 71 14.50 1.67 19.67
CA GLY A 71 13.56 1.21 20.68
C GLY A 71 13.80 -0.26 21.02
N LEU A 72 14.95 -0.78 20.61
CA LEU A 72 15.31 -2.16 20.92
C LEU A 72 15.83 -2.28 22.34
N THR A 73 15.35 -3.29 23.06
CA THR A 73 15.88 -3.59 24.37
C THR A 73 16.97 -4.66 24.24
N PRO A 74 17.76 -4.85 25.31
CA PRO A 74 18.76 -5.93 25.27
C PRO A 74 18.14 -7.29 24.97
N LEU A 75 16.91 -7.50 25.44
CA LEU A 75 16.19 -8.74 25.18
C LEU A 75 15.88 -8.91 23.72
N HIS A 76 15.51 -7.82 23.07
CA HIS A 76 15.29 -7.83 21.62
C HIS A 76 16.51 -8.36 20.89
N THR A 77 17.67 -7.80 21.23
CA THR A 77 18.90 -8.12 20.51
CA THR A 77 18.87 -8.11 20.47
C THR A 77 19.38 -9.52 20.83
N ALA A 78 19.21 -9.94 22.08
CA ALA A 78 19.60 -11.30 22.47
C ALA A 78 18.71 -12.34 21.77
N ALA A 79 17.42 -12.02 21.67
CA ALA A 79 16.46 -12.92 21.03
C ALA A 79 16.72 -12.99 19.52
N SER A 80 16.93 -11.83 18.91
CA SER A 80 17.18 -11.76 17.48
C SER A 80 18.43 -12.53 17.10
N ASN A 81 19.44 -12.44 17.93
CA ASN A 81 20.71 -13.07 17.62
C ASN A 81 20.81 -14.48 18.18
N GLY A 82 19.72 -14.99 18.71
CA GLY A 82 19.62 -16.39 19.12
C GLY A 82 20.53 -16.79 20.28
N HIS A 83 20.73 -15.89 21.25
CA HIS A 83 21.54 -16.21 22.43
C HIS A 83 20.63 -16.68 23.56
N LEU A 84 20.36 -17.98 23.59
CA LEU A 84 19.32 -18.54 24.45
C LEU A 84 19.59 -18.34 25.94
N GLU A 85 20.81 -18.67 26.39
CA GLU A 85 21.12 -18.56 27.80
C GLU A 85 21.03 -17.08 28.22
N LEU A 86 21.44 -16.19 27.34
CA LEU A 86 21.42 -14.76 27.60
C LEU A 86 19.96 -14.28 27.74
N VAL A 87 19.08 -14.76 26.86
CA VAL A 87 17.65 -14.46 26.98
C VAL A 87 17.06 -14.96 28.31
N LYS A 88 17.47 -16.15 28.75
CA LYS A 88 17.02 -16.67 30.04
C LYS A 88 17.36 -15.71 31.16
N LEU A 89 18.63 -15.27 31.16
CA LEU A 89 19.14 -14.37 32.18
C LEU A 89 18.41 -13.04 32.18
N LEU A 90 18.20 -12.45 31.01
CA LEU A 90 17.49 -11.17 30.92
C LEU A 90 16.08 -11.29 31.47
N LEU A 91 15.35 -12.34 31.08
CA LEU A 91 13.98 -12.55 31.55
C LEU A 91 13.94 -12.77 33.05
N GLU A 92 14.93 -13.48 33.56
CA GLU A 92 15.01 -13.73 34.99
C GLU A 92 15.26 -12.44 35.78
N LYS A 93 15.94 -11.48 35.16
CA LYS A 93 16.20 -10.20 35.82
C LYS A 93 15.17 -9.12 35.48
N GLY A 94 14.06 -9.53 34.87
CA GLY A 94 12.91 -8.66 34.70
C GLY A 94 12.69 -8.01 33.35
N ALA A 95 13.32 -8.53 32.30
CA ALA A 95 13.14 -7.94 30.99
C ALA A 95 11.68 -8.08 30.60
N ASP A 96 11.16 -7.09 29.89
CA ASP A 96 9.77 -7.08 29.44
C ASP A 96 9.66 -7.94 28.18
N ILE A 97 8.99 -9.06 28.31
CA ILE A 97 9.01 -10.06 27.25
C ILE A 97 8.21 -9.59 26.04
N ASN A 98 7.26 -8.68 26.25
CA ASN A 98 6.45 -8.17 25.15
C ASN A 98 6.78 -6.73 24.77
N ALA A 99 8.00 -6.31 25.10
CA ALA A 99 8.49 -4.99 24.72
C ALA A 99 8.44 -4.81 23.20
N ARG A 100 8.09 -3.61 22.76
CA ARG A 100 8.03 -3.36 21.34
C ARG A 100 9.04 -2.29 20.93
N ASP A 101 9.77 -2.53 19.84
CA ASP A 101 10.70 -1.51 19.34
C ASP A 101 9.91 -0.48 18.49
N GLU A 102 10.66 0.36 17.77
CA GLU A 102 10.10 1.45 16.99
C GLU A 102 9.10 1.00 15.94
N ASP A 103 9.31 -0.20 15.41
CA ASP A 103 8.45 -0.75 14.39
C ASP A 103 7.38 -1.66 14.96
N GLY A 104 7.29 -1.75 16.28
CA GLY A 104 6.26 -2.53 16.93
C GLY A 104 6.62 -4.01 17.06
N SER A 105 7.87 -4.32 16.77
CA SER A 105 8.35 -5.70 16.85
C SER A 105 8.67 -6.11 18.28
N THR A 106 8.20 -7.29 18.68
CA THR A 106 8.54 -7.85 20.00
C THR A 106 9.74 -8.78 19.86
N PRO A 107 10.34 -9.19 21.00
CA PRO A 107 11.44 -10.16 20.88
C PRO A 107 11.04 -11.44 20.14
N LEU A 108 9.80 -11.90 20.32
CA LEU A 108 9.31 -13.09 19.60
C LEU A 108 9.29 -12.89 18.09
N HIS A 109 8.95 -11.69 17.65
CA HIS A 109 8.98 -11.36 16.21
C HIS A 109 10.36 -11.65 15.64
N LEU A 110 11.39 -11.11 16.31
CA LEU A 110 12.74 -11.21 15.79
C LEU A 110 13.31 -12.64 15.90
N ALA A 111 13.02 -13.33 17.00
CA ALA A 111 13.47 -14.71 17.16
C ALA A 111 12.79 -15.61 16.12
N ALA A 112 11.52 -15.34 15.84
CA ALA A 112 10.78 -16.12 14.86
C ALA A 112 11.32 -15.87 13.46
N SER A 113 11.64 -14.60 13.17
CA SER A 113 12.15 -14.22 11.86
C SER A 113 13.44 -14.95 11.52
N ASN A 114 14.26 -15.20 12.54
CA ASN A 114 15.55 -15.86 12.36
C ASN A 114 15.52 -17.35 12.65
N GLY A 115 14.34 -17.89 12.98
CA GLY A 115 14.21 -19.33 13.12
C GLY A 115 14.87 -19.93 14.34
N HIS A 116 14.94 -19.17 15.44
CA HIS A 116 15.57 -19.70 16.67
C HIS A 116 14.54 -20.49 17.47
N LEU A 117 14.40 -21.77 17.14
CA LEU A 117 13.32 -22.61 17.66
C LEU A 117 13.27 -22.73 19.18
N GLU A 118 14.36 -23.16 19.79
CA GLU A 118 14.36 -23.33 21.23
C GLU A 118 14.16 -21.99 21.92
N LEU A 119 14.75 -20.95 21.34
CA LEU A 119 14.57 -19.60 21.88
C LEU A 119 13.09 -19.16 21.84
N VAL A 120 12.40 -19.43 20.73
CA VAL A 120 10.97 -19.14 20.64
C VAL A 120 10.17 -19.96 21.65
N LYS A 121 10.55 -21.23 21.84
CA LYS A 121 9.90 -22.08 22.84
C LYS A 121 9.97 -21.45 24.22
N LEU A 122 11.15 -20.96 24.56
CA LEU A 122 11.38 -20.32 25.85
C LEU A 122 10.53 -19.04 25.99
N LEU A 123 10.56 -18.20 24.96
CA LEU A 123 9.75 -16.98 24.99
C LEU A 123 8.26 -17.25 25.22
N LEU A 124 7.73 -18.23 24.49
CA LEU A 124 6.33 -18.64 24.67
C LEU A 124 6.08 -19.19 26.07
N GLU A 125 7.06 -19.93 26.62
CA GLU A 125 6.92 -20.46 27.97
C GLU A 125 6.81 -19.37 29.00
N LYS A 126 7.53 -18.28 28.76
CA LYS A 126 7.56 -17.16 29.70
C LYS A 126 6.52 -16.10 29.39
N GLY A 127 5.59 -16.43 28.51
CA GLY A 127 4.42 -15.58 28.30
C GLY A 127 4.41 -14.62 27.13
N ALA A 128 5.25 -14.85 26.11
CA ALA A 128 5.24 -14.00 24.94
C ALA A 128 3.90 -14.14 24.20
N ASP A 129 3.39 -13.02 23.68
CA ASP A 129 2.15 -13.00 22.91
C ASP A 129 2.40 -13.55 21.52
N ILE A 130 1.88 -14.73 21.26
CA ILE A 130 2.20 -15.44 20.01
C ILE A 130 1.54 -14.75 18.82
N ASN A 131 0.47 -14.00 19.07
CA ASN A 131 -0.22 -13.29 18.00
C ASN A 131 0.00 -11.78 18.01
N ALA A 132 1.07 -11.34 18.64
CA ALA A 132 1.41 -9.91 18.66
C ALA A 132 1.61 -9.36 17.25
N GLU A 133 1.06 -8.18 16.99
CA GLU A 133 1.24 -7.52 15.69
C GLU A 133 2.22 -6.37 15.80
N ASP A 134 3.11 -6.22 14.81
CA ASP A 134 3.93 -5.01 14.77
C ASP A 134 3.12 -3.88 14.16
N HIS A 135 3.78 -2.75 13.87
CA HIS A 135 3.09 -1.58 13.34
C HIS A 135 2.54 -1.81 11.94
N SER A 136 3.03 -2.86 11.29
CA SER A 136 2.52 -3.24 9.99
C SER A 136 1.40 -4.27 10.09
N GLY A 137 1.01 -4.60 11.32
CA GLY A 137 -0.03 -5.59 11.54
C GLY A 137 0.46 -7.01 11.33
N THR A 138 1.78 -7.19 11.28
CA THR A 138 2.40 -8.50 11.03
C THR A 138 2.73 -9.25 12.31
N THR A 139 2.53 -10.56 12.27
CA THR A 139 2.72 -11.43 13.42
C THR A 139 4.05 -12.19 13.31
N PRO A 140 4.48 -12.81 14.42
CA PRO A 140 5.71 -13.60 14.34
C PRO A 140 5.65 -14.72 13.29
N LEU A 141 4.48 -15.34 13.16
CA LEU A 141 4.27 -16.42 12.20
C LEU A 141 4.54 -15.99 10.76
N HIS A 142 4.17 -14.74 10.45
N HIS A 142 4.16 -14.75 10.44
CA HIS A 142 4.44 -14.14 9.15
CA HIS A 142 4.44 -14.19 9.12
C HIS A 142 5.93 -14.18 8.83
C HIS A 142 5.94 -14.17 8.81
N PHE A 143 6.74 -13.78 9.79
CA PHE A 143 8.16 -13.69 9.58
C PHE A 143 8.78 -15.10 9.49
N ALA A 144 8.30 -16.02 10.30
CA ALA A 144 8.81 -17.39 10.24
C ALA A 144 8.46 -18.04 8.89
N ALA A 145 7.26 -17.80 8.39
CA ALA A 145 6.83 -18.42 7.14
C ALA A 145 7.57 -17.79 5.99
N LYS A 146 7.67 -16.46 6.03
CA LYS A 146 8.32 -15.70 4.99
C LYS A 146 9.78 -16.06 4.84
N ASN A 147 10.46 -16.27 5.96
CA ASN A 147 11.87 -16.55 5.92
C ASN A 147 12.12 -18.04 5.92
N GLY A 148 11.04 -18.80 5.72
CA GLY A 148 11.15 -20.24 5.47
C GLY A 148 11.60 -21.12 6.62
N HIS A 149 11.20 -20.81 7.85
CA HIS A 149 11.62 -21.65 8.97
C HIS A 149 10.52 -22.65 9.32
N LEU A 150 10.59 -23.82 8.70
CA LEU A 150 9.54 -24.82 8.75
C LEU A 150 9.18 -25.29 10.15
N GLU A 151 10.19 -25.76 10.90
CA GLU A 151 9.96 -26.25 12.25
C GLU A 151 9.44 -25.16 13.18
N LEU A 152 9.93 -23.94 13.03
CA LEU A 152 9.40 -22.83 13.81
CA LEU A 152 9.41 -22.82 13.82
C LEU A 152 7.91 -22.62 13.54
N VAL A 153 7.54 -22.67 12.26
CA VAL A 153 6.13 -22.50 11.91
C VAL A 153 5.26 -23.60 12.51
N LYS A 154 5.77 -24.84 12.49
CA LYS A 154 5.05 -25.96 13.08
C LYS A 154 4.77 -25.69 14.55
N LEU A 155 5.80 -25.23 15.26
CA LEU A 155 5.69 -24.90 16.68
C LEU A 155 4.70 -23.77 16.95
N LEU A 156 4.81 -22.69 16.19
CA LEU A 156 3.89 -21.55 16.37
C LEU A 156 2.43 -21.97 16.17
N LEU A 157 2.18 -22.78 15.14
CA LEU A 157 0.83 -23.30 14.88
C LEU A 157 0.36 -24.21 16.01
N GLU A 158 1.27 -25.02 16.56
CA GLU A 158 0.96 -25.89 17.68
C GLU A 158 0.51 -25.05 18.87
N LYS A 159 1.14 -23.90 19.02
CA LYS A 159 0.91 -23.04 20.16
C LYS A 159 -0.19 -22.01 19.93
N GLY A 160 -0.92 -22.15 18.83
CA GLY A 160 -2.12 -21.36 18.62
C GLY A 160 -1.98 -20.10 17.77
N ALA A 161 -0.92 -20.01 16.98
CA ALA A 161 -0.78 -18.85 16.09
C ALA A 161 -1.89 -18.88 15.05
N ASP A 162 -2.40 -17.71 14.68
CA ASP A 162 -3.47 -17.63 13.69
C ASP A 162 -2.88 -17.87 12.31
N ILE A 163 -3.25 -18.99 11.71
CA ILE A 163 -2.64 -19.39 10.45
C ILE A 163 -3.02 -18.46 9.29
N ASN A 164 -4.14 -17.77 9.44
CA ASN A 164 -4.61 -16.87 8.39
C ASN A 164 -4.50 -15.39 8.72
N ALA A 165 -3.52 -15.06 9.55
CA ALA A 165 -3.20 -13.69 9.94
C ALA A 165 -2.98 -12.80 8.72
N SER A 166 -3.75 -11.71 8.64
CA SER A 166 -3.73 -10.88 7.45
C SER A 166 -3.61 -9.37 7.73
N ASP A 167 -3.05 -9.01 8.88
CA ASP A 167 -2.86 -7.59 9.26
C ASP A 167 -4.12 -6.76 9.07
N PHE A 168 -3.94 -5.65 8.37
CA PHE A 168 -4.99 -4.67 8.05
C PHE A 168 -5.81 -4.98 6.79
N SER A 169 -6.71 -4.05 6.45
CA SER A 169 -7.57 -4.16 5.28
C SER A 169 -7.62 -2.86 4.50
N GLY A 170 -8.35 -2.85 3.39
CA GLY A 170 -8.61 -1.58 2.74
C GLY A 170 -9.70 -0.85 3.50
N PRO A 171 -9.83 0.45 3.26
CA PRO A 171 -10.79 1.30 3.97
C PRO A 171 -12.24 0.86 3.79
N THR A 172 -13.04 1.02 4.85
CA THR A 172 -14.46 0.78 4.76
C THR A 172 -15.17 2.08 4.35
N PRO A 173 -16.45 1.99 3.98
CA PRO A 173 -17.21 3.21 3.69
C PRO A 173 -17.19 4.21 4.85
N LEU A 174 -17.16 3.72 6.08
CA LEU A 174 -17.06 4.60 7.24
C LEU A 174 -15.74 5.37 7.25
N HIS A 175 -14.66 4.72 6.83
CA HIS A 175 -13.36 5.38 6.65
C HIS A 175 -13.45 6.55 5.66
N SER A 176 -13.99 6.27 4.50
CA SER A 176 -14.07 7.26 3.44
C SER A 176 -14.93 8.43 3.86
N ALA A 177 -16.05 8.14 4.51
CA ALA A 177 -16.99 9.20 4.95
C ALA A 177 -16.33 10.10 5.98
N ALA A 178 -15.59 9.49 6.92
CA ALA A 178 -14.90 10.23 7.96
C ALA A 178 -13.72 11.03 7.41
N GLU A 179 -12.96 10.42 6.52
CA GLU A 179 -11.80 11.07 5.92
C GLU A 179 -12.20 12.30 5.14
N ASN A 180 -13.35 12.21 4.45
CA ASN A 180 -13.79 13.31 3.59
C ASN A 180 -14.80 14.24 4.23
N GLY A 181 -14.93 14.16 5.55
CA GLY A 181 -15.77 15.08 6.30
C GLY A 181 -17.26 15.02 6.01
N HIS A 182 -17.80 13.83 5.76
CA HIS A 182 -19.23 13.73 5.53
C HIS A 182 -19.93 13.27 6.80
N LEU A 183 -20.29 14.24 7.63
CA LEU A 183 -20.79 13.99 8.98
C LEU A 183 -22.11 13.22 8.99
N GLU A 184 -23.08 13.68 8.21
CA GLU A 184 -24.37 13.02 8.20
C GLU A 184 -24.24 11.57 7.69
N LEU A 185 -23.39 11.36 6.70
CA LEU A 185 -23.08 10.01 6.22
C LEU A 185 -22.45 9.13 7.32
N VAL A 186 -21.58 9.73 8.11
CA VAL A 186 -20.97 9.01 9.23
C VAL A 186 -22.04 8.57 10.23
N LYS A 187 -22.95 9.48 10.56
CA LYS A 187 -24.02 9.18 11.50
C LYS A 187 -24.90 8.05 10.98
N LEU A 188 -25.23 8.12 9.69
CA LEU A 188 -26.04 7.09 9.05
C LEU A 188 -25.34 5.73 9.04
N LEU A 189 -24.06 5.72 8.68
CA LEU A 189 -23.30 4.45 8.64
C LEU A 189 -23.24 3.82 10.00
N LEU A 190 -23.04 4.63 11.03
CA LEU A 190 -22.98 4.14 12.40
C LEU A 190 -24.30 3.53 12.87
N GLU A 191 -25.42 4.20 12.61
CA GLU A 191 -26.71 3.66 13.00
C GLU A 191 -27.02 2.35 12.27
N LYS A 192 -26.53 2.21 11.03
CA LYS A 192 -26.75 1.01 10.22
C LYS A 192 -25.69 -0.08 10.48
N GLY A 193 -24.82 0.16 11.46
CA GLY A 193 -23.89 -0.84 11.94
C GLY A 193 -22.49 -0.88 11.35
N ALA A 194 -21.98 0.25 10.89
CA ALA A 194 -20.62 0.27 10.37
C ALA A 194 -19.66 -0.04 11.53
N ASP A 195 -18.53 -0.66 11.21
CA ASP A 195 -17.53 -1.06 12.20
C ASP A 195 -16.56 0.07 12.52
N ILE A 196 -16.66 0.61 13.73
CA ILE A 196 -15.81 1.72 14.15
C ILE A 196 -14.35 1.27 14.38
N ASN A 197 -14.15 -0.02 14.57
CA ASN A 197 -12.80 -0.53 14.84
C ASN A 197 -12.07 -0.98 13.58
N ALA A 198 -12.70 -0.85 12.42
CA ALA A 198 -12.08 -1.29 11.17
C ALA A 198 -10.79 -0.52 10.93
N ARG A 199 -9.77 -1.22 10.41
CA ARG A 199 -8.48 -0.59 10.18
C ARG A 199 -8.14 -0.54 8.71
N ASP A 200 -7.69 0.62 8.24
CA ASP A 200 -7.34 0.79 6.82
C ASP A 200 -5.92 0.30 6.55
N LYS A 201 -5.38 0.61 5.38
CA LYS A 201 -4.11 0.03 4.95
C LYS A 201 -2.93 0.40 5.84
N PHE A 202 -3.04 1.53 6.53
CA PHE A 202 -2.03 1.92 7.50
C PHE A 202 -2.43 1.51 8.92
N GLY A 203 -3.51 0.76 9.05
CA GLY A 203 -3.94 0.31 10.37
C GLY A 203 -4.72 1.36 11.14
N LYS A 204 -5.20 2.37 10.42
CA LYS A 204 -5.93 3.46 11.05
C LYS A 204 -7.45 3.23 11.08
N THR A 205 -8.08 3.71 12.14
CA THR A 205 -9.54 3.64 12.26
C THR A 205 -10.19 4.88 11.62
N PRO A 206 -11.51 4.84 11.42
CA PRO A 206 -12.20 6.04 10.92
C PRO A 206 -11.98 7.26 11.81
N PHE A 207 -11.92 7.04 13.12
CA PHE A 207 -11.63 8.12 14.07
C PHE A 207 -10.26 8.73 13.81
N ASP A 208 -9.25 7.89 13.61
CA ASP A 208 -7.91 8.40 13.30
C ASP A 208 -7.92 9.29 12.05
N LEU A 209 -8.62 8.84 11.02
CA LEU A 209 -8.70 9.60 9.78
C LEU A 209 -9.42 10.94 9.99
N ALA A 210 -10.42 10.93 10.85
CA ALA A 210 -11.15 12.16 11.16
C ALA A 210 -10.25 13.19 11.83
N ILE A 211 -9.45 12.76 12.80
CA ILE A 211 -8.52 13.66 13.45
C ILE A 211 -7.48 14.16 12.44
N ASP A 212 -6.99 13.25 11.61
CA ASP A 212 -5.97 13.56 10.62
C ASP A 212 -6.42 14.67 9.69
N ASN A 213 -7.71 14.71 9.37
CA ASN A 213 -8.25 15.70 8.45
C ASN A 213 -8.88 16.92 9.15
N GLY A 214 -8.78 16.97 10.47
CA GLY A 214 -9.34 18.06 11.23
C GLY A 214 -10.86 18.10 11.23
N ASN A 215 -11.48 16.93 11.12
CA ASN A 215 -12.93 16.86 11.21
C ASN A 215 -13.40 16.55 12.63
N GLU A 216 -13.48 17.61 13.46
CA GLU A 216 -13.74 17.47 14.89
C GLU A 216 -15.12 16.87 15.22
N ASP A 217 -16.17 17.35 14.57
CA ASP A 217 -17.53 16.88 14.84
C ASP A 217 -17.62 15.38 14.58
N ILE A 218 -17.05 14.95 13.47
CA ILE A 218 -17.03 13.53 13.12
C ILE A 218 -16.26 12.69 14.13
N ALA A 219 -15.09 13.18 14.53
CA ALA A 219 -14.25 12.49 15.51
C ALA A 219 -14.96 12.37 16.86
N GLU A 220 -15.68 13.41 17.25
CA GLU A 220 -16.46 13.41 18.47
C GLU A 220 -17.59 12.37 18.42
N VAL A 221 -18.30 12.32 17.29
CA VAL A 221 -19.35 11.34 17.08
C VAL A 221 -18.81 9.92 17.16
N LEU A 222 -17.68 9.69 16.51
CA LEU A 222 -17.03 8.37 16.51
C LEU A 222 -16.56 8.03 17.93
N GLN A 223 -16.05 9.03 18.64
CA GLN A 223 -15.63 8.85 20.02
C GLN A 223 -16.80 8.44 20.90
N LYS A 224 -17.95 9.10 20.72
CA LYS A 224 -19.12 8.76 21.51
C LYS A 224 -19.57 7.33 21.21
N ALA A 225 -19.46 6.93 19.95
CA ALA A 225 -19.78 5.57 19.56
C ALA A 225 -18.87 4.57 20.26
N ALA A 226 -17.58 4.85 20.24
CA ALA A 226 -16.59 4.00 20.88
C ALA A 226 -16.83 3.87 22.39
N ARG A 227 -17.03 5.01 23.04
CA ARG A 227 -17.28 5.04 24.49
C ARG A 227 -18.60 4.37 24.88
N SER A 228 -19.61 4.50 24.03
CA SER A 228 -20.91 3.85 24.23
C SER A 228 -20.76 2.39 24.63
N HIS A 229 -19.82 1.73 23.96
CA HIS A 229 -19.58 0.29 24.16
C HIS A 229 -18.77 0.02 25.43
N MET B 3 -10.75 13.93 -47.55
CA MET B 3 -11.62 14.56 -46.58
C MET B 3 -12.04 13.50 -45.57
N ASP B 4 -11.57 13.64 -44.33
CA ASP B 4 -11.84 12.63 -43.30
C ASP B 4 -13.28 12.69 -42.79
N ILE B 5 -14.19 11.95 -43.41
CA ILE B 5 -15.58 11.94 -42.99
C ILE B 5 -15.84 11.21 -41.66
N GLY B 6 -14.92 10.35 -41.22
CA GLY B 6 -15.11 9.70 -39.94
C GLY B 6 -14.95 10.70 -38.81
N LYS B 7 -14.00 11.61 -38.98
CA LYS B 7 -13.72 12.62 -37.97
C LYS B 7 -14.88 13.59 -37.88
N LYS B 8 -15.47 13.88 -39.04
CA LYS B 8 -16.64 14.75 -39.13
C LYS B 8 -17.81 14.06 -38.47
N LEU B 9 -17.91 12.76 -38.66
CA LEU B 9 -18.97 11.99 -38.01
C LEU B 9 -18.87 12.05 -36.49
N LEU B 10 -17.64 11.93 -35.99
CA LEU B 10 -17.41 11.96 -34.55
C LEU B 10 -17.73 13.32 -33.96
N GLU B 11 -17.31 14.38 -34.63
CA GLU B 11 -17.59 15.74 -34.16
C GLU B 11 -19.08 16.03 -34.18
N ALA B 12 -19.75 15.62 -35.25
CA ALA B 12 -21.19 15.84 -35.37
C ALA B 12 -21.93 15.04 -34.30
N ALA B 13 -21.46 13.82 -34.01
CA ALA B 13 -22.10 13.02 -32.99
C ALA B 13 -21.94 13.65 -31.61
N ARG B 14 -20.77 14.23 -31.36
CA ARG B 14 -20.51 14.83 -30.05
C ARG B 14 -21.30 16.12 -29.83
N ALA B 15 -21.39 16.95 -30.87
CA ALA B 15 -22.09 18.23 -30.73
C ALA B 15 -23.58 18.04 -30.90
N GLY B 16 -23.98 16.81 -31.19
CA GLY B 16 -25.38 16.47 -31.32
C GLY B 16 -26.08 17.01 -32.54
N HIS B 17 -25.41 16.98 -33.69
CA HIS B 17 -26.03 17.45 -34.93
C HIS B 17 -26.60 16.25 -35.70
N ASP B 18 -27.86 15.92 -35.44
CA ASP B 18 -28.50 14.74 -36.02
C ASP B 18 -28.54 14.86 -37.53
N ASP B 19 -28.69 16.08 -38.02
CA ASP B 19 -28.80 16.29 -39.46
C ASP B 19 -27.44 15.99 -40.16
N SER B 20 -26.35 16.48 -39.59
CA SER B 20 -25.02 16.17 -40.13
C SER B 20 -24.68 14.69 -40.04
N VAL B 21 -25.06 14.06 -38.93
CA VAL B 21 -24.85 12.62 -38.74
C VAL B 21 -25.54 11.85 -39.86
N GLU B 22 -26.79 12.21 -40.14
CA GLU B 22 -27.53 11.56 -41.20
C GLU B 22 -26.81 11.70 -42.54
N VAL B 23 -26.38 12.92 -42.82
CA VAL B 23 -25.70 13.21 -44.06
C VAL B 23 -24.39 12.45 -44.20
N LEU B 24 -23.59 12.42 -43.13
CA LEU B 24 -22.31 11.73 -43.19
C LEU B 24 -22.46 10.23 -43.29
N LEU B 25 -23.42 9.66 -42.57
CA LEU B 25 -23.64 8.23 -42.66
C LEU B 25 -24.05 7.83 -44.07
N LYS B 26 -24.93 8.64 -44.68
CA LYS B 26 -25.32 8.42 -46.06
C LYS B 26 -24.11 8.49 -46.98
N LYS B 27 -23.15 9.34 -46.66
CA LYS B 27 -21.95 9.45 -47.49
C LYS B 27 -20.96 8.33 -47.19
N GLY B 28 -21.40 7.34 -46.43
CA GLY B 28 -20.61 6.17 -46.11
C GLY B 28 -19.60 6.30 -44.99
N ALA B 29 -19.87 7.21 -44.05
CA ALA B 29 -18.98 7.36 -42.92
C ALA B 29 -19.06 6.11 -42.04
N ASP B 30 -17.93 5.70 -41.49
CA ASP B 30 -17.85 4.53 -40.62
C ASP B 30 -18.56 4.82 -39.32
N ILE B 31 -19.69 4.15 -39.09
CA ILE B 31 -20.50 4.45 -37.93
C ILE B 31 -19.76 4.11 -36.63
N ASN B 32 -18.79 3.21 -36.73
CA ASN B 32 -17.97 2.83 -35.58
C ASN B 32 -16.57 3.44 -35.64
N ALA B 33 -16.46 4.58 -36.31
CA ALA B 33 -15.18 5.28 -36.40
C ALA B 33 -14.69 5.64 -35.00
N LYS B 34 -13.40 5.49 -34.74
CA LYS B 34 -12.86 5.75 -33.42
C LYS B 34 -11.96 6.99 -33.45
N ASP B 35 -12.08 7.87 -32.45
CA ASP B 35 -11.17 9.01 -32.39
C ASP B 35 -9.86 8.56 -31.73
N ASN B 36 -9.00 9.50 -31.38
CA ASN B 36 -7.70 9.17 -30.78
C ASN B 36 -7.79 8.48 -29.43
N SER B 37 -8.91 8.65 -28.75
CA SER B 37 -9.13 8.00 -27.45
C SER B 37 -9.95 6.73 -27.60
N GLY B 38 -10.20 6.31 -28.84
CA GLY B 38 -10.92 5.08 -29.11
C GLY B 38 -12.43 5.20 -28.98
N ARG B 39 -12.92 6.42 -28.80
CA ARG B 39 -14.36 6.65 -28.68
C ARG B 39 -15.07 6.60 -30.04
N THR B 40 -16.22 5.95 -30.07
CA THR B 40 -17.05 5.88 -31.28
C THR B 40 -18.09 7.01 -31.26
N PRO B 41 -18.79 7.22 -32.39
CA PRO B 41 -19.87 8.21 -32.33
C PRO B 41 -20.86 7.85 -31.25
N LEU B 42 -21.09 6.56 -31.04
CA LEU B 42 -22.00 6.15 -29.98
C LEU B 42 -21.51 6.58 -28.61
N HIS B 43 -20.19 6.52 -28.38
CA HIS B 43 -19.62 6.96 -27.09
C HIS B 43 -19.91 8.44 -26.82
N VAL B 44 -19.54 9.26 -27.79
CA VAL B 44 -19.64 10.70 -27.62
C VAL B 44 -21.06 11.20 -27.62
N ALA B 45 -21.92 10.54 -28.34
CA ALA B 45 -23.34 10.85 -28.29
C ALA B 45 -23.89 10.48 -26.91
N ALA B 46 -23.48 9.32 -26.38
CA ALA B 46 -23.92 8.90 -25.06
C ALA B 46 -23.43 9.86 -24.00
N LEU B 47 -22.23 10.42 -24.22
CA LEU B 47 -21.61 11.35 -23.27
C LEU B 47 -22.43 12.59 -23.03
N ASN B 48 -22.91 13.20 -24.11
CA ASN B 48 -23.62 14.46 -24.01
C ASN B 48 -25.13 14.28 -23.99
N GLY B 49 -25.57 13.06 -23.75
CA GLY B 49 -26.98 12.76 -23.55
C GLY B 49 -27.86 13.02 -24.75
N HIS B 50 -27.32 12.78 -25.95
CA HIS B 50 -28.08 13.00 -27.18
C HIS B 50 -28.90 11.75 -27.51
N LEU B 51 -30.07 11.65 -26.90
CA LEU B 51 -30.86 10.43 -26.93
C LEU B 51 -31.31 10.02 -28.34
N GLU B 52 -31.87 10.97 -29.08
CA GLU B 52 -32.36 10.67 -30.41
C GLU B 52 -31.22 10.28 -31.35
N LEU B 53 -30.07 10.92 -31.18
CA LEU B 53 -28.92 10.58 -31.96
C LEU B 53 -28.46 9.16 -31.64
N VAL B 54 -28.57 8.77 -30.38
CA VAL B 54 -28.19 7.41 -29.98
C VAL B 54 -29.16 6.38 -30.59
N LYS B 55 -30.43 6.74 -30.67
CA LYS B 55 -31.43 5.85 -31.31
C LYS B 55 -31.08 5.64 -32.79
N LEU B 56 -30.70 6.73 -33.44
CA LEU B 56 -30.32 6.67 -34.84
C LEU B 56 -29.08 5.84 -35.05
N LEU B 57 -28.05 6.05 -34.22
CA LEU B 57 -26.82 5.28 -34.34
C LEU B 57 -27.04 3.78 -34.13
N LEU B 58 -27.80 3.43 -33.10
CA LEU B 58 -28.07 2.03 -32.81
C LEU B 58 -28.82 1.36 -33.95
N GLU B 59 -29.82 2.05 -34.48
CA GLU B 59 -30.58 1.48 -35.57
C GLU B 59 -29.74 1.35 -36.82
N LYS B 60 -28.71 2.17 -36.95
CA LYS B 60 -27.89 2.12 -38.15
C LYS B 60 -26.62 1.32 -37.99
N GLY B 61 -26.59 0.52 -36.94
CA GLY B 61 -25.56 -0.46 -36.71
C GLY B 61 -24.38 -0.12 -35.82
N ALA B 62 -24.52 0.89 -34.98
CA ALA B 62 -23.45 1.19 -34.04
C ALA B 62 -23.30 0.04 -33.06
N ASP B 63 -22.07 -0.22 -32.64
CA ASP B 63 -21.70 -1.27 -31.70
C ASP B 63 -21.99 -0.86 -30.26
N ILE B 64 -22.98 -1.49 -29.65
CA ILE B 64 -23.44 -1.07 -28.33
C ILE B 64 -22.42 -1.27 -27.24
N ASN B 65 -21.59 -2.28 -27.43
CA ASN B 65 -20.60 -2.59 -26.42
C ASN B 65 -19.18 -2.27 -26.87
N ALA B 66 -19.04 -1.32 -27.79
CA ALA B 66 -17.70 -0.83 -28.17
C ALA B 66 -16.94 -0.31 -26.94
N ARG B 67 -15.60 -0.43 -26.98
CA ARG B 67 -14.73 -0.04 -25.87
C ARG B 67 -13.80 1.09 -26.30
N ASP B 68 -13.67 2.15 -25.49
CA ASP B 68 -12.66 3.15 -25.83
C ASP B 68 -11.32 2.66 -25.26
N MET B 69 -10.27 3.47 -25.31
CA MET B 69 -8.95 2.99 -24.87
C MET B 69 -8.91 2.69 -23.37
N PHE B 70 -9.88 3.23 -22.63
N PHE B 70 -9.93 3.17 -22.67
CA PHE B 70 -9.96 2.99 -21.19
CA PHE B 70 -9.98 3.02 -21.22
C PHE B 70 -10.91 1.85 -20.85
C PHE B 70 -11.01 1.95 -20.86
N GLY B 71 -11.47 1.22 -21.88
CA GLY B 71 -12.41 0.12 -21.70
C GLY B 71 -13.83 0.54 -21.32
N LEU B 72 -14.13 1.82 -21.48
CA LEU B 72 -15.47 2.34 -21.21
C LEU B 72 -16.40 2.05 -22.36
N THR B 73 -17.60 1.56 -22.04
CA THR B 73 -18.66 1.37 -23.01
C THR B 73 -19.56 2.62 -23.01
N PRO B 74 -20.44 2.76 -24.02
CA PRO B 74 -21.39 3.88 -23.99
C PRO B 74 -22.24 3.87 -22.73
N LEU B 75 -22.56 2.68 -22.22
CA LEU B 75 -23.35 2.55 -20.99
C LEU B 75 -22.62 3.15 -19.79
N HIS B 76 -21.31 2.89 -19.73
CA HIS B 76 -20.49 3.50 -18.67
C HIS B 76 -20.67 5.02 -18.65
N THR B 77 -20.56 5.62 -19.83
CA THR B 77 -20.58 7.07 -19.97
C THR B 77 -21.97 7.63 -19.69
N ALA B 78 -23.00 6.94 -20.14
CA ALA B 78 -24.38 7.37 -19.90
C ALA B 78 -24.70 7.32 -18.40
N ALA B 79 -24.25 6.25 -17.74
CA ALA B 79 -24.49 6.09 -16.32
C ALA B 79 -23.70 7.12 -15.49
N SER B 80 -22.45 7.36 -15.89
CA SER B 80 -21.57 8.29 -15.20
C SER B 80 -22.15 9.70 -15.25
N ASN B 81 -22.74 10.03 -16.40
CA ASN B 81 -23.26 11.38 -16.60
C ASN B 81 -24.73 11.52 -16.25
N GLY B 82 -25.32 10.47 -15.68
CA GLY B 82 -26.69 10.53 -15.18
C GLY B 82 -27.78 10.69 -16.23
N HIS B 83 -27.59 10.06 -17.38
CA HIS B 83 -28.63 10.17 -18.43
C HIS B 83 -29.58 8.97 -18.34
N LEU B 84 -30.65 9.14 -17.55
CA LEU B 84 -31.51 8.01 -17.18
C LEU B 84 -32.20 7.33 -18.37
N GLU B 85 -32.91 8.11 -19.16
CA GLU B 85 -33.60 7.57 -20.32
C GLU B 85 -32.64 6.97 -21.33
N LEU B 86 -31.47 7.59 -21.43
CA LEU B 86 -30.48 7.10 -22.35
C LEU B 86 -29.99 5.75 -21.84
N VAL B 87 -29.77 5.63 -20.53
CA VAL B 87 -29.42 4.33 -19.96
C VAL B 87 -30.53 3.29 -20.19
N LYS B 88 -31.79 3.70 -20.04
CA LYS B 88 -32.89 2.77 -20.31
C LYS B 88 -32.78 2.23 -21.72
N LEU B 89 -32.53 3.13 -22.66
CA LEU B 89 -32.43 2.77 -24.07
C LEU B 89 -31.27 1.81 -24.32
N LEU B 90 -30.11 2.15 -23.78
CA LEU B 90 -28.93 1.29 -23.96
C LEU B 90 -29.18 -0.12 -23.42
N LEU B 91 -29.77 -0.23 -22.23
CA LEU B 91 -30.05 -1.54 -21.67
C LEU B 91 -31.04 -2.30 -22.54
N GLU B 92 -32.03 -1.61 -23.10
CA GLU B 92 -33.01 -2.27 -23.96
C GLU B 92 -32.37 -2.76 -25.26
N LYS B 93 -31.32 -2.08 -25.70
CA LYS B 93 -30.66 -2.43 -26.96
C LYS B 93 -29.47 -3.36 -26.77
N GLY B 94 -29.37 -3.98 -25.61
CA GLY B 94 -28.43 -5.07 -25.39
C GLY B 94 -27.15 -4.70 -24.67
N ALA B 95 -27.12 -3.54 -24.01
CA ALA B 95 -25.91 -3.13 -23.31
C ALA B 95 -25.57 -4.09 -22.16
N ASP B 96 -24.28 -4.34 -21.95
CA ASP B 96 -23.80 -5.22 -20.87
C ASP B 96 -23.77 -4.42 -19.58
N ILE B 97 -24.66 -4.75 -18.66
CA ILE B 97 -24.86 -3.94 -17.47
C ILE B 97 -23.69 -4.06 -16.49
N ASN B 98 -22.97 -5.17 -16.56
CA ASN B 98 -21.83 -5.37 -15.65
C ASN B 98 -20.48 -5.27 -16.35
N ALA B 99 -20.47 -4.59 -17.48
CA ALA B 99 -19.22 -4.33 -18.20
C ALA B 99 -18.22 -3.60 -17.31
N ARG B 100 -16.94 -3.96 -17.43
CA ARG B 100 -15.91 -3.36 -16.59
C ARG B 100 -14.90 -2.63 -17.43
N ASP B 101 -14.52 -1.43 -17.01
CA ASP B 101 -13.50 -0.72 -17.75
C ASP B 101 -12.12 -1.22 -17.32
N GLU B 102 -11.10 -0.53 -17.80
CA GLU B 102 -9.70 -0.87 -17.57
C GLU B 102 -9.37 -0.92 -16.07
N ASP B 103 -10.06 -0.12 -15.28
CA ASP B 103 -9.84 -0.11 -13.84
C ASP B 103 -10.79 -1.04 -13.10
N GLY B 104 -11.61 -1.77 -13.86
CA GLY B 104 -12.53 -2.75 -13.29
C GLY B 104 -13.87 -2.18 -12.80
N SER B 105 -14.13 -0.93 -13.16
CA SER B 105 -15.34 -0.22 -12.75
C SER B 105 -16.53 -0.58 -13.62
N THR B 106 -17.67 -0.83 -12.97
CA THR B 106 -18.93 -1.10 -13.68
C THR B 106 -19.67 0.20 -13.87
N PRO B 107 -20.72 0.22 -14.73
CA PRO B 107 -21.53 1.44 -14.80
C PRO B 107 -22.10 1.82 -13.45
N LEU B 108 -22.48 0.83 -12.64
CA LEU B 108 -23.01 1.11 -11.32
C LEU B 108 -22.03 1.87 -10.46
N HIS B 109 -20.75 1.49 -10.56
CA HIS B 109 -19.69 2.19 -9.83
C HIS B 109 -19.73 3.68 -10.12
N LEU B 110 -19.79 4.01 -11.42
CA LEU B 110 -19.70 5.41 -11.85
C LEU B 110 -20.95 6.19 -11.49
N ALA B 111 -22.12 5.56 -11.65
CA ALA B 111 -23.37 6.19 -11.29
C ALA B 111 -23.43 6.45 -9.79
N ALA B 112 -22.89 5.53 -9.00
CA ALA B 112 -22.86 5.64 -7.55
C ALA B 112 -21.92 6.76 -7.12
N SER B 113 -20.78 6.83 -7.80
CA SER B 113 -19.75 7.82 -7.53
C SER B 113 -20.30 9.24 -7.69
N ASN B 114 -21.20 9.41 -8.65
CA ASN B 114 -21.77 10.73 -8.92
C ASN B 114 -23.14 10.96 -8.30
N GLY B 115 -23.63 10.03 -7.50
CA GLY B 115 -24.86 10.28 -6.75
C GLY B 115 -26.12 10.31 -7.58
N HIS B 116 -26.15 9.56 -8.68
CA HIS B 116 -27.32 9.50 -9.55
C HIS B 116 -28.32 8.48 -9.04
N LEU B 117 -29.15 8.90 -8.10
CA LEU B 117 -30.01 8.01 -7.32
C LEU B 117 -30.95 7.15 -8.16
N GLU B 118 -31.77 7.79 -9.00
CA GLU B 118 -32.73 7.05 -9.82
C GLU B 118 -32.05 6.15 -10.84
N LEU B 119 -30.96 6.64 -11.42
CA LEU B 119 -30.20 5.84 -12.37
C LEU B 119 -29.65 4.57 -11.67
N VAL B 120 -29.17 4.72 -10.44
CA VAL B 120 -28.71 3.56 -9.68
C VAL B 120 -29.89 2.59 -9.43
N LYS B 121 -31.06 3.12 -9.10
CA LYS B 121 -32.25 2.29 -8.92
C LYS B 121 -32.52 1.45 -10.17
N LEU B 122 -32.44 2.09 -11.33
CA LEU B 122 -32.66 1.41 -12.59
C LEU B 122 -31.64 0.31 -12.81
N LEU B 123 -30.38 0.61 -12.57
CA LEU B 123 -29.30 -0.37 -12.74
C LEU B 123 -29.50 -1.59 -11.83
N LEU B 124 -29.80 -1.35 -10.56
CA LEU B 124 -30.09 -2.45 -9.66
C LEU B 124 -31.31 -3.26 -10.12
N GLU B 125 -32.34 -2.56 -10.62
CA GLU B 125 -33.52 -3.24 -11.11
C GLU B 125 -33.18 -4.15 -12.28
N LYS B 126 -32.26 -3.70 -13.11
CA LYS B 126 -31.91 -4.41 -14.33
C LYS B 126 -30.79 -5.44 -14.10
N GLY B 127 -30.45 -5.67 -12.83
CA GLY B 127 -29.53 -6.73 -12.48
C GLY B 127 -28.08 -6.36 -12.24
N ALA B 128 -27.80 -5.09 -11.97
CA ALA B 128 -26.44 -4.68 -11.68
C ALA B 128 -25.98 -5.33 -10.40
N ASP B 129 -24.72 -5.77 -10.38
CA ASP B 129 -24.12 -6.39 -9.22
C ASP B 129 -23.75 -5.31 -8.21
N ILE B 130 -24.49 -5.28 -7.10
CA ILE B 130 -24.35 -4.22 -6.11
C ILE B 130 -23.06 -4.29 -5.35
N ASN B 131 -22.46 -5.48 -5.27
CA ASN B 131 -21.19 -5.63 -4.54
C ASN B 131 -20.00 -5.81 -5.45
N ALA B 132 -20.15 -5.40 -6.71
CA ALA B 132 -19.06 -5.52 -7.67
C ALA B 132 -17.83 -4.75 -7.19
N GLU B 133 -16.67 -5.39 -7.31
CA GLU B 133 -15.39 -4.78 -6.92
C GLU B 133 -14.62 -4.35 -8.16
N ASP B 134 -14.00 -3.18 -8.13
CA ASP B 134 -13.09 -2.84 -9.21
C ASP B 134 -11.75 -3.52 -8.94
N HIS B 135 -10.73 -3.18 -9.72
CA HIS B 135 -9.43 -3.82 -9.58
C HIS B 135 -8.75 -3.46 -8.25
N SER B 136 -9.24 -2.41 -7.60
CA SER B 136 -8.72 -2.02 -6.29
C SER B 136 -9.52 -2.66 -5.15
N GLY B 137 -10.49 -3.51 -5.50
CA GLY B 137 -11.32 -4.19 -4.54
C GLY B 137 -12.43 -3.35 -3.91
N THR B 138 -12.67 -2.17 -4.49
CA THR B 138 -13.66 -1.23 -3.98
C THR B 138 -15.02 -1.34 -4.69
N THR B 139 -16.09 -1.17 -3.92
CA THR B 139 -17.47 -1.33 -4.37
C THR B 139 -18.17 0.00 -4.67
N PRO B 140 -19.35 -0.05 -5.33
CA PRO B 140 -20.07 1.20 -5.57
C PRO B 140 -20.34 1.97 -4.27
N LEU B 141 -20.65 1.26 -3.18
CA LEU B 141 -20.92 1.90 -1.89
C LEU B 141 -19.73 2.74 -1.41
N HIS B 142 -18.53 2.25 -1.68
N HIS B 142 -18.52 2.26 -1.70
CA HIS B 142 -17.31 2.99 -1.34
CA HIS B 142 -17.31 3.00 -1.35
C HIS B 142 -17.31 4.36 -2.00
C HIS B 142 -17.29 4.37 -2.01
N PHE B 143 -17.61 4.40 -3.31
CA PHE B 143 -17.59 5.66 -4.02
C PHE B 143 -18.74 6.58 -3.61
N ALA B 144 -19.90 6.01 -3.32
CA ALA B 144 -21.04 6.82 -2.88
C ALA B 144 -20.75 7.46 -1.52
N ALA B 145 -20.12 6.70 -0.63
CA ALA B 145 -19.80 7.22 0.70
C ALA B 145 -18.66 8.23 0.62
N LYS B 146 -17.65 7.91 -0.18
CA LYS B 146 -16.49 8.77 -0.33
C LYS B 146 -16.87 10.13 -0.88
N ASN B 147 -17.78 10.14 -1.83
CA ASN B 147 -18.17 11.38 -2.47
C ASN B 147 -19.39 12.02 -1.85
N GLY B 148 -19.81 11.52 -0.69
CA GLY B 148 -20.82 12.17 0.13
C GLY B 148 -22.25 12.15 -0.37
N HIS B 149 -22.62 11.07 -1.04
CA HIS B 149 -23.98 10.94 -1.56
C HIS B 149 -24.85 10.13 -0.59
N LEU B 150 -25.45 10.84 0.36
CA LEU B 150 -26.15 10.23 1.50
C LEU B 150 -27.33 9.35 1.11
N GLU B 151 -28.26 9.91 0.33
CA GLU B 151 -29.44 9.16 -0.06
C GLU B 151 -29.03 7.93 -0.88
N LEU B 152 -28.04 8.12 -1.73
CA LEU B 152 -27.57 7.01 -2.55
C LEU B 152 -27.01 5.90 -1.66
N VAL B 153 -26.29 6.28 -0.60
CA VAL B 153 -25.79 5.30 0.36
C VAL B 153 -26.94 4.56 1.04
N LYS B 154 -27.98 5.29 1.42
CA LYS B 154 -29.17 4.68 2.02
C LYS B 154 -29.75 3.57 1.12
N LEU B 155 -29.87 3.89 -0.16
CA LEU B 155 -30.40 2.96 -1.15
C LEU B 155 -29.52 1.71 -1.25
N LEU B 156 -28.21 1.90 -1.40
CA LEU B 156 -27.30 0.75 -1.53
C LEU B 156 -27.42 -0.16 -0.33
N LEU B 157 -27.51 0.43 0.86
CA LEU B 157 -27.66 -0.35 2.08
C LEU B 157 -28.99 -1.06 2.15
N GLU B 158 -30.05 -0.39 1.71
CA GLU B 158 -31.35 -1.02 1.64
C GLU B 158 -31.35 -2.20 0.68
N LYS B 159 -30.58 -2.08 -0.40
CA LYS B 159 -30.57 -3.12 -1.43
C LYS B 159 -29.49 -4.17 -1.18
N GLY B 160 -28.89 -4.14 0.01
CA GLY B 160 -28.03 -5.23 0.44
C GLY B 160 -26.53 -5.06 0.26
N ALA B 161 -26.07 -3.83 0.04
CA ALA B 161 -24.64 -3.58 -0.10
C ALA B 161 -23.96 -3.87 1.24
N ASP B 162 -22.73 -4.39 1.20
CA ASP B 162 -22.00 -4.70 2.44
C ASP B 162 -21.46 -3.44 3.07
N ILE B 163 -22.00 -3.10 4.23
CA ILE B 163 -21.65 -1.83 4.86
C ILE B 163 -20.19 -1.77 5.31
N ASN B 164 -19.59 -2.94 5.54
CA ASN B 164 -18.20 -2.96 5.97
C ASN B 164 -17.25 -3.53 4.92
N ALA B 165 -17.63 -3.38 3.65
CA ALA B 165 -16.78 -3.78 2.54
C ALA B 165 -15.42 -3.12 2.68
N SER B 166 -14.36 -3.94 2.70
CA SER B 166 -13.02 -3.44 2.95
C SER B 166 -11.96 -3.93 1.95
N ASP B 167 -12.40 -4.29 0.74
CA ASP B 167 -11.52 -4.78 -0.34
C ASP B 167 -10.61 -5.93 0.09
N PHE B 168 -9.32 -5.78 -0.24
CA PHE B 168 -8.29 -6.76 0.05
C PHE B 168 -7.71 -6.65 1.47
N SER B 169 -6.73 -7.50 1.76
CA SER B 169 -6.06 -7.54 3.06
C SER B 169 -4.57 -7.60 2.89
N GLY B 170 -3.81 -7.58 3.99
CA GLY B 170 -2.39 -7.84 3.85
C GLY B 170 -2.19 -9.34 3.68
N PRO B 171 -0.98 -9.73 3.21
CA PRO B 171 -0.63 -11.13 2.91
C PRO B 171 -0.75 -12.05 4.11
N THR B 172 -1.18 -13.29 3.88
CA THR B 172 -1.16 -14.28 4.92
C THR B 172 0.19 -15.02 4.89
N PRO B 173 0.45 -15.83 5.91
CA PRO B 173 1.68 -16.64 5.90
C PRO B 173 1.80 -17.52 4.65
N LEU B 174 0.68 -18.02 4.13
CA LEU B 174 0.70 -18.83 2.92
C LEU B 174 1.16 -17.95 1.74
N HIS B 175 0.73 -16.69 1.70
CA HIS B 175 1.23 -15.75 0.70
C HIS B 175 2.75 -15.67 0.75
N SER B 176 3.28 -15.43 1.95
CA SER B 176 4.71 -15.25 2.12
C SER B 176 5.49 -16.48 1.74
N ALA B 177 5.02 -17.64 2.17
CA ALA B 177 5.71 -18.90 1.88
C ALA B 177 5.72 -19.18 0.38
N ALA B 178 4.59 -18.91 -0.28
CA ALA B 178 4.45 -19.15 -1.71
C ALA B 178 5.33 -18.20 -2.51
N GLU B 179 5.33 -16.95 -2.10
CA GLU B 179 6.07 -15.89 -2.76
C GLU B 179 7.57 -16.14 -2.69
N ASN B 180 8.02 -16.64 -1.55
CA ASN B 180 9.45 -16.85 -1.32
C ASN B 180 9.89 -18.27 -1.59
N GLY B 181 9.04 -19.04 -2.27
CA GLY B 181 9.44 -20.36 -2.74
C GLY B 181 9.74 -21.40 -1.69
N HIS B 182 8.98 -21.39 -0.60
CA HIS B 182 9.20 -22.41 0.44
C HIS B 182 8.15 -23.51 0.29
N LEU B 183 8.50 -24.53 -0.48
CA LEU B 183 7.55 -25.57 -0.87
C LEU B 183 7.04 -26.38 0.31
N GLU B 184 7.95 -26.88 1.15
CA GLU B 184 7.52 -27.72 2.26
C GLU B 184 6.65 -26.91 3.22
N LEU B 185 6.99 -25.64 3.39
CA LEU B 185 6.20 -24.74 4.22
C LEU B 185 4.79 -24.55 3.66
N VAL B 186 4.69 -24.42 2.35
CA VAL B 186 3.38 -24.27 1.72
C VAL B 186 2.53 -25.51 1.97
N LYS B 187 3.13 -26.70 1.81
CA LYS B 187 2.40 -27.92 2.06
C LYS B 187 1.92 -28.01 3.51
N LEU B 188 2.77 -27.62 4.47
CA LEU B 188 2.39 -27.65 5.88
C LEU B 188 1.22 -26.68 6.14
N LEU B 189 1.32 -25.48 5.60
CA LEU B 189 0.27 -24.49 5.80
C LEU B 189 -1.06 -24.99 5.24
N LEU B 190 -1.02 -25.64 4.09
CA LEU B 190 -2.25 -26.17 3.50
C LEU B 190 -2.84 -27.29 4.35
N GLU B 191 -1.99 -28.20 4.83
CA GLU B 191 -2.48 -29.31 5.65
C GLU B 191 -3.11 -28.81 6.94
N LYS B 192 -2.58 -27.70 7.46
CA LYS B 192 -3.05 -27.12 8.71
C LYS B 192 -4.17 -26.11 8.51
N GLY B 193 -4.66 -25.99 7.27
CA GLY B 193 -5.84 -25.22 6.98
C GLY B 193 -5.68 -23.77 6.56
N ALA B 194 -4.56 -23.43 5.92
CA ALA B 194 -4.40 -22.07 5.43
C ALA B 194 -5.39 -21.80 4.31
N ASP B 195 -5.78 -20.55 4.17
CA ASP B 195 -6.78 -20.16 3.17
C ASP B 195 -6.17 -19.87 1.80
N ILE B 196 -6.43 -20.76 0.84
CA ILE B 196 -5.88 -20.63 -0.51
C ILE B 196 -6.53 -19.46 -1.26
N ASN B 197 -7.69 -19.02 -0.78
CA ASN B 197 -8.40 -17.93 -1.45
C ASN B 197 -8.09 -16.54 -0.89
N ALA B 198 -7.17 -16.48 0.07
CA ALA B 198 -6.80 -15.21 0.67
C ALA B 198 -6.20 -14.25 -0.36
N ARG B 199 -6.56 -12.97 -0.24
CA ARG B 199 -6.09 -11.95 -1.17
C ARG B 199 -5.22 -10.94 -0.47
N ASP B 200 -4.07 -10.65 -1.08
CA ASP B 200 -3.12 -9.70 -0.50
C ASP B 200 -3.51 -8.31 -0.92
N LYS B 201 -2.63 -7.36 -0.65
CA LYS B 201 -2.95 -5.95 -0.84
C LYS B 201 -3.25 -5.57 -2.29
N PHE B 202 -2.76 -6.36 -3.23
CA PHE B 202 -3.10 -6.12 -4.62
C PHE B 202 -4.23 -7.03 -5.10
N GLY B 203 -4.87 -7.74 -4.16
CA GLY B 203 -5.95 -8.64 -4.50
C GLY B 203 -5.46 -9.98 -4.99
N LYS B 204 -4.19 -10.28 -4.76
CA LYS B 204 -3.62 -11.55 -5.26
C LYS B 204 -3.69 -12.72 -4.28
N THR B 205 -3.84 -13.93 -4.81
CA THR B 205 -3.81 -15.15 -4.01
C THR B 205 -2.37 -15.67 -3.87
N PRO B 206 -2.14 -16.61 -2.94
CA PRO B 206 -0.81 -17.23 -2.88
C PRO B 206 -0.44 -17.87 -4.23
N PHE B 207 -1.43 -18.40 -4.95
CA PHE B 207 -1.17 -18.99 -6.28
C PHE B 207 -0.62 -17.98 -7.27
N ASP B 208 -1.23 -16.79 -7.31
CA ASP B 208 -0.76 -15.72 -8.20
C ASP B 208 0.69 -15.37 -7.89
N LEU B 209 1.00 -15.27 -6.61
CA LEU B 209 2.36 -14.92 -6.19
C LEU B 209 3.35 -16.02 -6.54
N ALA B 210 2.91 -17.26 -6.43
CA ALA B 210 3.75 -18.39 -6.81
C ALA B 210 4.10 -18.25 -8.29
N ILE B 211 3.10 -17.92 -9.12
CA ILE B 211 3.35 -17.73 -10.53
C ILE B 211 4.27 -16.56 -10.84
N ASP B 212 4.04 -15.43 -10.18
CA ASP B 212 4.82 -14.21 -10.37
C ASP B 212 6.31 -14.45 -10.14
N ASN B 213 6.61 -15.33 -9.18
CA ASN B 213 7.99 -15.62 -8.79
C ASN B 213 8.60 -16.84 -9.47
N GLY B 214 7.85 -17.43 -10.40
CA GLY B 214 8.30 -18.60 -11.14
C GLY B 214 8.44 -19.88 -10.34
N ASN B 215 7.62 -20.02 -9.31
CA ASN B 215 7.64 -21.21 -8.46
C ASN B 215 6.66 -22.27 -8.94
N GLU B 216 7.09 -23.07 -9.90
CA GLU B 216 6.20 -23.98 -10.60
C GLU B 216 5.60 -25.01 -9.64
N ASP B 217 6.44 -25.61 -8.80
CA ASP B 217 5.98 -26.67 -7.91
C ASP B 217 4.96 -26.21 -6.91
N ILE B 218 5.19 -25.03 -6.35
CA ILE B 218 4.24 -24.44 -5.41
C ILE B 218 2.91 -24.13 -6.11
N ALA B 219 2.98 -23.57 -7.31
CA ALA B 219 1.76 -23.25 -8.05
C ALA B 219 0.94 -24.51 -8.32
N GLU B 220 1.61 -25.62 -8.65
CA GLU B 220 0.90 -26.86 -8.90
C GLU B 220 0.20 -27.38 -7.65
N VAL B 221 0.91 -27.35 -6.52
CA VAL B 221 0.34 -27.77 -5.25
C VAL B 221 -0.89 -26.93 -4.89
N LEU B 222 -0.77 -25.61 -5.06
CA LEU B 222 -1.88 -24.69 -4.77
C LEU B 222 -3.07 -24.89 -5.70
N GLN B 223 -2.76 -25.15 -6.96
CA GLN B 223 -3.75 -25.45 -8.00
C GLN B 223 -4.53 -26.70 -7.66
N LYS B 224 -3.80 -27.70 -7.17
CA LYS B 224 -4.39 -28.97 -6.74
C LYS B 224 -5.35 -28.79 -5.56
N ALA B 225 -4.96 -27.91 -4.65
CA ALA B 225 -5.77 -27.53 -3.49
C ALA B 225 -7.07 -26.88 -3.92
N ALA B 226 -6.97 -25.95 -4.88
CA ALA B 226 -8.14 -25.27 -5.41
C ALA B 226 -9.14 -26.26 -6.00
N ARG B 227 -8.65 -27.22 -6.78
CA ARG B 227 -9.52 -28.21 -7.42
C ARG B 227 -10.24 -29.13 -6.43
N SER B 228 -9.55 -29.56 -5.38
CA SER B 228 -10.13 -30.39 -4.32
C SER B 228 -11.44 -29.86 -3.73
N HIS B 229 -11.54 -28.55 -3.55
CA HIS B 229 -12.67 -27.90 -2.88
C HIS B 229 -13.94 -27.91 -3.71
N ASP C 4 -11.64 20.15 45.30
CA ASP C 4 -11.24 20.60 43.96
C ASP C 4 -11.00 19.40 43.06
N ILE C 5 -12.07 18.89 42.47
CA ILE C 5 -11.95 17.72 41.61
C ILE C 5 -11.42 18.20 40.27
N GLY C 6 -10.73 17.33 39.55
CA GLY C 6 -10.22 17.67 38.23
C GLY C 6 -11.35 17.77 37.24
N LYS C 7 -12.38 16.95 37.45
CA LYS C 7 -13.52 16.83 36.53
C LYS C 7 -14.26 18.17 36.45
N LYS C 8 -14.30 18.92 37.56
CA LYS C 8 -14.91 20.24 37.54
C LYS C 8 -14.09 21.32 36.83
N LEU C 9 -12.77 21.30 37.03
CA LEU C 9 -11.89 22.28 36.40
C LEU C 9 -11.90 22.22 34.87
N LEU C 10 -11.89 21.01 34.33
CA LEU C 10 -11.89 20.81 32.88
C LEU C 10 -13.21 21.29 32.28
N GLU C 11 -14.33 21.04 32.96
CA GLU C 11 -15.63 21.57 32.53
C GLU C 11 -15.71 23.09 32.54
N ALA C 12 -15.15 23.71 33.57
CA ALA C 12 -15.12 25.17 33.63
C ALA C 12 -14.25 25.68 32.49
N ALA C 13 -13.11 25.03 32.29
CA ALA C 13 -12.20 25.36 31.19
C ALA C 13 -12.87 25.05 29.86
N ARG C 14 -13.76 24.05 29.90
CA ARG C 14 -14.52 23.61 28.73
C ARG C 14 -15.48 24.70 28.29
N ALA C 15 -16.18 25.31 29.25
CA ALA C 15 -17.15 26.36 28.96
C ALA C 15 -16.52 27.76 28.94
N GLY C 16 -15.21 27.83 29.23
CA GLY C 16 -14.48 29.07 29.23
C GLY C 16 -14.80 29.99 30.40
N HIS C 17 -14.91 29.42 31.59
CA HIS C 17 -15.23 30.22 32.77
C HIS C 17 -14.05 30.53 33.68
N ASP C 18 -13.45 31.70 33.44
CA ASP C 18 -12.24 32.12 34.12
C ASP C 18 -12.48 32.19 35.62
N ASP C 19 -13.67 32.66 35.98
CA ASP C 19 -14.01 32.87 37.38
C ASP C 19 -14.18 31.54 38.11
N SER C 20 -14.91 30.62 37.48
CA SER C 20 -15.10 29.28 38.03
C SER C 20 -13.79 28.52 38.06
N VAL C 21 -13.00 28.68 37.00
CA VAL C 21 -11.70 28.02 36.91
C VAL C 21 -10.75 28.44 38.03
N GLU C 22 -10.62 29.74 38.24
CA GLU C 22 -9.78 30.25 39.32
C GLU C 22 -10.30 29.82 40.70
N VAL C 23 -11.62 29.82 40.86
CA VAL C 23 -12.22 29.36 42.10
C VAL C 23 -11.73 27.93 42.38
N LEU C 24 -11.70 27.09 41.34
CA LEU C 24 -11.19 25.72 41.46
C LEU C 24 -9.67 25.67 41.67
N LEU C 25 -8.95 26.56 40.96
CA LEU C 25 -7.51 26.68 41.08
C LEU C 25 -7.17 27.11 42.51
N LYS C 26 -8.02 27.98 43.03
CA LYS C 26 -7.93 28.44 44.41
C LYS C 26 -7.94 27.29 45.37
N LYS C 27 -8.65 26.23 44.97
CA LYS C 27 -8.83 25.04 45.80
C LYS C 27 -7.61 24.13 45.68
N GLY C 28 -6.56 24.62 45.03
CA GLY C 28 -5.32 23.88 44.89
C GLY C 28 -5.41 22.85 43.77
N ALA C 29 -6.27 23.09 42.78
CA ALA C 29 -6.46 22.16 41.67
C ALA C 29 -5.25 22.07 40.75
N ASP C 30 -4.99 20.87 40.24
CA ASP C 30 -3.87 20.63 39.33
C ASP C 30 -4.16 21.26 37.98
N ILE C 31 -3.38 22.27 37.62
CA ILE C 31 -3.57 23.01 36.39
C ILE C 31 -3.34 22.11 35.17
N ASN C 32 -2.55 21.04 35.36
CA ASN C 32 -2.25 20.12 34.28
C ASN C 32 -3.01 18.80 34.39
N ALA C 33 -4.19 18.86 35.01
CA ALA C 33 -5.06 17.70 35.17
C ALA C 33 -5.47 17.12 33.82
N LYS C 34 -5.52 15.80 33.73
CA LYS C 34 -5.82 15.15 32.46
C LYS C 34 -7.22 14.52 32.52
N ASP C 35 -8.00 14.77 31.47
CA ASP C 35 -9.33 14.20 31.37
C ASP C 35 -9.37 12.80 30.74
N ASN C 36 -10.57 12.45 30.30
CA ASN C 36 -10.83 11.18 29.65
C ASN C 36 -9.98 10.94 28.40
N SER C 37 -9.58 12.02 27.73
CA SER C 37 -8.72 11.94 26.54
C SER C 37 -7.28 12.36 26.81
N GLY C 38 -6.95 12.63 28.08
CA GLY C 38 -5.59 13.02 28.42
C GLY C 38 -5.37 14.51 28.17
N ARG C 39 -6.47 15.20 27.87
CA ARG C 39 -6.44 16.64 27.60
C ARG C 39 -6.33 17.45 28.89
N THR C 40 -5.57 18.53 28.84
CA THR C 40 -5.46 19.45 29.98
C THR C 40 -6.51 20.55 29.87
N PRO C 41 -6.66 21.35 30.93
CA PRO C 41 -7.54 22.51 30.84
C PRO C 41 -7.15 23.42 29.68
N LEU C 42 -5.84 23.51 29.44
CA LEU C 42 -5.30 24.30 28.33
C LEU C 42 -5.76 23.76 26.98
N HIS C 43 -5.84 22.43 26.86
CA HIS C 43 -6.31 21.80 25.65
C HIS C 43 -7.75 22.22 25.34
N VAL C 44 -8.65 21.99 26.30
CA VAL C 44 -10.07 22.25 26.12
C VAL C 44 -10.38 23.73 26.01
N ALA C 45 -9.59 24.56 26.69
CA ALA C 45 -9.75 26.00 26.53
C ALA C 45 -9.39 26.39 25.11
N ALA C 46 -8.29 25.84 24.59
CA ALA C 46 -7.88 26.08 23.21
C ALA C 46 -8.88 25.51 22.20
N LEU C 47 -9.54 24.42 22.54
CA LEU C 47 -10.46 23.79 21.62
C LEU C 47 -11.63 24.68 21.38
N ASN C 48 -12.11 25.29 22.44
CA ASN C 48 -13.28 26.14 22.33
C ASN C 48 -12.95 27.60 22.10
N GLY C 49 -11.68 27.88 21.79
CA GLY C 49 -11.26 29.21 21.42
C GLY C 49 -11.39 30.25 22.53
N HIS C 50 -11.21 29.82 23.77
CA HIS C 50 -11.28 30.73 24.91
C HIS C 50 -9.94 31.39 25.18
N LEU C 51 -9.70 32.48 24.48
CA LEU C 51 -8.41 33.16 24.49
C LEU C 51 -8.06 33.66 25.89
N GLU C 52 -9.02 34.26 26.57
CA GLU C 52 -8.76 34.87 27.87
C GLU C 52 -8.37 33.80 28.88
N LEU C 53 -9.06 32.66 28.80
CA LEU C 53 -8.79 31.54 29.69
C LEU C 53 -7.42 30.96 29.47
N VAL C 54 -6.98 30.94 28.21
CA VAL C 54 -5.68 30.42 27.88
C VAL C 54 -4.57 31.31 28.41
N LYS C 55 -4.81 32.62 28.37
CA LYS C 55 -3.85 33.60 28.86
C LYS C 55 -3.65 33.39 30.35
N LEU C 56 -4.79 33.19 31.02
CA LEU C 56 -4.81 32.97 32.46
C LEU C 56 -4.13 31.66 32.83
N LEU C 57 -4.49 30.60 32.13
CA LEU C 57 -3.92 29.28 32.37
C LEU C 57 -2.41 29.28 32.15
N LEU C 58 -1.97 29.89 31.05
CA LEU C 58 -0.56 29.85 30.70
C LEU C 58 0.41 30.47 31.70
N GLU C 59 0.14 31.69 32.14
CA GLU C 59 1.04 32.33 33.09
C GLU C 59 0.91 31.77 34.50
N LYS C 60 -0.18 31.04 34.77
CA LYS C 60 -0.35 30.40 36.06
C LYS C 60 0.23 28.99 36.02
N GLY C 61 1.07 28.74 35.02
CA GLY C 61 1.86 27.53 34.95
C GLY C 61 1.31 26.39 34.14
N ALA C 62 0.42 26.70 33.20
CA ALA C 62 -0.10 25.66 32.33
C ALA C 62 1.02 25.10 31.47
N ASP C 63 0.95 23.81 31.19
CA ASP C 63 1.94 23.16 30.35
C ASP C 63 1.58 23.46 28.89
N ILE C 64 2.34 24.34 28.24
CA ILE C 64 1.95 24.80 26.92
C ILE C 64 2.06 23.74 25.82
N ASN C 65 2.99 22.80 25.96
CA ASN C 65 3.15 21.77 24.95
C ASN C 65 2.70 20.40 25.41
N ALA C 66 1.81 20.39 26.40
CA ALA C 66 1.24 19.15 26.90
C ALA C 66 0.55 18.36 25.78
N ARG C 67 0.56 17.04 25.90
CA ARG C 67 0.00 16.14 24.90
C ARG C 67 -1.16 15.31 25.42
N ASP C 68 -2.24 15.23 24.64
CA ASP C 68 -3.33 14.33 24.99
C ASP C 68 -3.03 12.93 24.47
N MET C 69 -4.01 12.03 24.55
CA MET C 69 -3.79 10.63 24.16
C MET C 69 -3.48 10.46 22.68
N PHE C 70 -3.88 11.42 21.86
CA PHE C 70 -3.59 11.31 20.43
C PHE C 70 -2.35 12.11 20.09
N GLY C 71 -1.72 12.65 21.13
CA GLY C 71 -0.49 13.41 20.97
C GLY C 71 -0.72 14.82 20.46
N LEU C 72 -1.95 15.29 20.57
CA LEU C 72 -2.28 16.64 20.15
C LEU C 72 -1.91 17.64 21.24
N THR C 73 -1.24 18.71 20.83
CA THR C 73 -0.93 19.84 21.69
C THR C 73 -2.06 20.87 21.56
N PRO C 74 -2.11 21.85 22.48
CA PRO C 74 -3.11 22.92 22.34
C PRO C 74 -2.99 23.68 21.03
N LEU C 75 -1.77 23.83 20.53
CA LEU C 75 -1.55 24.51 19.27
C LEU C 75 -2.18 23.72 18.12
N HIS C 76 -2.07 22.39 18.18
CA HIS C 76 -2.73 21.53 17.19
C HIS C 76 -4.21 21.86 17.11
N THR C 77 -4.84 21.87 18.28
CA THR C 77 -6.27 22.04 18.41
C THR C 77 -6.71 23.44 18.00
N ALA C 78 -5.93 24.43 18.40
CA ALA C 78 -6.21 25.81 18.06
C ALA C 78 -6.10 26.02 16.56
N ALA C 79 -5.07 25.43 15.96
CA ALA C 79 -4.86 25.55 14.52
C ALA C 79 -5.95 24.82 13.73
N SER C 80 -6.31 23.63 14.19
CA SER C 80 -7.32 22.83 13.51
C SER C 80 -8.67 23.54 13.52
N ASN C 81 -9.01 24.18 14.63
CA ASN C 81 -10.31 24.83 14.76
C ASN C 81 -10.30 26.29 14.32
N GLY C 82 -9.19 26.75 13.73
CA GLY C 82 -9.16 28.09 13.15
C GLY C 82 -9.23 29.26 14.12
N HIS C 83 -8.60 29.11 15.28
CA HIS C 83 -8.58 30.21 16.25
C HIS C 83 -7.29 30.98 16.11
N LEU C 84 -7.31 32.01 15.25
CA LEU C 84 -6.10 32.72 14.86
C LEU C 84 -5.40 33.41 16.04
N GLU C 85 -6.17 34.20 16.80
CA GLU C 85 -5.60 34.95 17.92
C GLU C 85 -5.01 34.02 18.98
N LEU C 86 -5.65 32.87 19.18
CA LEU C 86 -5.20 31.86 20.12
C LEU C 86 -3.87 31.23 19.70
N VAL C 87 -3.79 30.89 18.41
CA VAL C 87 -2.55 30.37 17.85
C VAL C 87 -1.43 31.38 18.02
N LYS C 88 -1.73 32.65 17.75
CA LYS C 88 -0.76 33.71 17.93
C LYS C 88 -0.22 33.72 19.35
N LEU C 89 -1.12 33.67 20.32
CA LEU C 89 -0.74 33.69 21.73
C LEU C 89 0.12 32.49 22.09
N LEU C 90 -0.32 31.31 21.66
CA LEU C 90 0.40 30.07 21.95
C LEU C 90 1.81 30.16 21.40
N LEU C 91 1.94 30.62 20.16
CA LEU C 91 3.25 30.77 19.56
C LEU C 91 4.12 31.80 20.32
N GLU C 92 3.51 32.90 20.77
CA GLU C 92 4.28 33.90 21.52
C GLU C 92 4.72 33.39 22.89
N LYS C 93 3.95 32.46 23.44
CA LYS C 93 4.26 31.89 24.73
C LYS C 93 5.04 30.57 24.67
N GLY C 94 5.61 30.24 23.52
CA GLY C 94 6.55 29.13 23.45
C GLY C 94 6.02 27.82 22.92
N ALA C 95 4.87 27.86 22.23
CA ALA C 95 4.31 26.64 21.66
C ALA C 95 5.24 26.07 20.58
N ASP C 96 5.30 24.75 20.51
CA ASP C 96 6.15 24.05 19.54
C ASP C 96 5.43 24.01 18.21
N ILE C 97 5.89 24.79 17.26
CA ILE C 97 5.10 25.03 16.05
C ILE C 97 5.06 23.83 15.11
N ASN C 98 6.08 22.98 15.18
CA ASN C 98 6.14 21.80 14.33
C ASN C 98 5.94 20.48 15.09
N ALA C 99 5.27 20.56 16.23
CA ALA C 99 4.94 19.39 17.04
C ALA C 99 4.12 18.37 16.25
N ARG C 100 4.39 17.09 16.46
N ARG C 100 4.40 17.09 16.46
CA ARG C 100 3.67 16.06 15.72
CA ARG C 100 3.71 16.02 15.74
C ARG C 100 2.86 15.15 16.63
C ARG C 100 2.86 15.14 16.66
N ASP C 101 1.61 14.89 16.25
CA ASP C 101 0.76 14.00 17.03
C ASP C 101 1.09 12.55 16.67
N GLU C 102 0.31 11.62 17.21
CA GLU C 102 0.57 10.20 17.02
C GLU C 102 0.57 9.76 15.57
N ASP C 103 -0.19 10.45 14.72
CA ASP C 103 -0.21 10.10 13.30
C ASP C 103 0.80 10.92 12.51
N GLY C 104 1.58 11.73 13.21
CA GLY C 104 2.64 12.51 12.60
C GLY C 104 2.22 13.86 12.06
N SER C 105 1.00 14.28 12.39
CA SER C 105 0.44 15.54 11.89
C SER C 105 0.91 16.76 12.67
N THR C 106 1.30 17.80 11.94
CA THR C 106 1.68 19.08 12.54
C THR C 106 0.48 20.02 12.57
N PRO C 107 0.57 21.11 13.36
CA PRO C 107 -0.51 22.09 13.34
C PRO C 107 -0.79 22.60 11.92
N LEU C 108 0.26 22.75 11.12
CA LEU C 108 0.08 23.21 9.74
C LEU C 108 -0.75 22.21 8.93
N HIS C 109 -0.54 20.92 9.18
CA HIS C 109 -1.34 19.89 8.50
C HIS C 109 -2.82 20.12 8.74
N LEU C 110 -3.20 20.26 10.01
CA LEU C 110 -4.61 20.35 10.34
C LEU C 110 -5.24 21.66 9.84
N ALA C 111 -4.48 22.75 9.95
CA ALA C 111 -4.96 24.06 9.52
C ALA C 111 -5.16 24.09 8.01
N ALA C 112 -4.25 23.42 7.29
CA ALA C 112 -4.35 23.34 5.84
C ALA C 112 -5.54 22.47 5.46
N SER C 113 -5.70 21.36 6.17
CA SER C 113 -6.79 20.44 5.89
C SER C 113 -8.14 21.13 6.01
N ASN C 114 -8.24 22.09 6.93
CA ASN C 114 -9.51 22.77 7.17
C ASN C 114 -9.62 24.11 6.44
N GLY C 115 -8.61 24.44 5.63
CA GLY C 115 -8.68 25.63 4.79
C GLY C 115 -8.58 26.97 5.52
N HIS C 116 -7.88 26.98 6.64
CA HIS C 116 -7.73 28.22 7.42
C HIS C 116 -6.57 29.03 6.87
N LEU C 117 -6.87 29.79 5.82
CA LEU C 117 -5.85 30.49 5.04
C LEU C 117 -5.01 31.46 5.87
N GLU C 118 -5.65 32.38 6.58
CA GLU C 118 -4.90 33.36 7.36
C GLU C 118 -4.10 32.73 8.50
N LEU C 119 -4.67 31.71 9.12
CA LEU C 119 -3.98 30.98 10.17
C LEU C 119 -2.73 30.28 9.60
N VAL C 120 -2.87 29.68 8.43
CA VAL C 120 -1.74 29.05 7.75
C VAL C 120 -0.66 30.08 7.41
N LYS C 121 -1.08 31.28 6.97
CA LYS C 121 -0.14 32.38 6.72
C LYS C 121 0.69 32.68 7.96
N LEU C 122 0.00 32.76 9.10
CA LEU C 122 0.64 33.04 10.38
C LEU C 122 1.63 31.93 10.72
N LEU C 123 1.18 30.68 10.57
CA LEU C 123 2.04 29.54 10.88
C LEU C 123 3.29 29.54 10.03
N LEU C 124 3.12 29.77 8.74
CA LEU C 124 4.27 29.81 7.84
C LEU C 124 5.17 30.98 8.21
N GLU C 125 4.59 32.11 8.58
CA GLU C 125 5.37 33.27 9.00
C GLU C 125 6.18 32.96 10.25
N LYS C 126 5.63 32.13 11.13
CA LYS C 126 6.29 31.80 12.38
C LYS C 126 7.18 30.55 12.27
N GLY C 127 7.43 30.07 11.05
CA GLY C 127 8.41 29.02 10.86
C GLY C 127 7.90 27.58 10.75
N ALA C 128 6.63 27.42 10.42
CA ALA C 128 6.08 26.09 10.26
C ALA C 128 6.75 25.44 9.06
N ASP C 129 7.02 24.14 9.18
CA ASP C 129 7.62 23.37 8.11
C ASP C 129 6.58 23.04 7.04
N ILE C 130 6.71 23.69 5.89
CA ILE C 130 5.71 23.61 4.83
C ILE C 130 5.71 22.25 4.13
N ASN C 131 6.84 21.55 4.20
CA ASN C 131 6.96 20.25 3.55
C ASN C 131 6.99 19.09 4.56
N ALA C 132 6.51 19.33 5.77
CA ALA C 132 6.46 18.30 6.80
C ALA C 132 5.61 17.11 6.35
N GLU C 133 6.11 15.90 6.57
CA GLU C 133 5.35 14.71 6.23
C GLU C 133 4.80 14.06 7.49
N ASP C 134 3.55 13.62 7.46
CA ASP C 134 3.03 12.86 8.58
C ASP C 134 3.52 11.41 8.43
N HIS C 135 2.98 10.50 9.24
CA HIS C 135 3.42 9.11 9.22
C HIS C 135 3.04 8.38 7.94
N SER C 136 2.11 8.95 7.18
CA SER C 136 1.73 8.40 5.89
C SER C 136 2.55 9.01 4.76
N GLY C 137 3.47 9.90 5.11
CA GLY C 137 4.28 10.57 4.13
C GLY C 137 3.55 11.72 3.44
N THR C 138 2.42 12.14 4.01
CA THR C 138 1.58 13.18 3.41
C THR C 138 1.91 14.58 3.94
N THR C 139 1.88 15.57 3.05
CA THR C 139 2.23 16.96 3.39
C THR C 139 0.97 17.82 3.57
N PRO C 140 1.13 19.04 4.11
CA PRO C 140 -0.04 19.93 4.19
C PRO C 140 -0.69 20.19 2.83
N LEU C 141 0.11 20.32 1.77
CA LEU C 141 -0.43 20.58 0.44
C LEU C 141 -1.39 19.49 0.01
N HIS C 142 -1.06 18.24 0.36
CA HIS C 142 -1.94 17.13 0.03
C HIS C 142 -3.33 17.35 0.62
N PHE C 143 -3.39 17.74 1.90
CA PHE C 143 -4.68 17.94 2.56
C PHE C 143 -5.43 19.15 2.01
N ALA C 144 -4.70 20.19 1.66
CA ALA C 144 -5.30 21.40 1.10
C ALA C 144 -5.93 21.13 -0.27
N ALA C 145 -5.25 20.33 -1.08
CA ALA C 145 -5.74 19.98 -2.41
C ALA C 145 -6.89 19.00 -2.30
N LYS C 146 -6.73 18.01 -1.43
CA LYS C 146 -7.75 16.98 -1.25
C LYS C 146 -9.08 17.57 -0.78
N ASN C 147 -9.01 18.53 0.14
CA ASN C 147 -10.23 19.12 0.68
C ASN C 147 -10.66 20.36 -0.09
N GLY C 148 -10.01 20.60 -1.23
CA GLY C 148 -10.46 21.62 -2.17
C GLY C 148 -10.27 23.07 -1.76
N HIS C 149 -9.20 23.37 -1.05
CA HIS C 149 -8.96 24.75 -0.62
C HIS C 149 -8.01 25.47 -1.57
N LEU C 150 -8.58 26.09 -2.60
CA LEU C 150 -7.85 26.67 -3.72
C LEU C 150 -6.88 27.79 -3.33
N GLU C 151 -7.38 28.81 -2.65
CA GLU C 151 -6.53 29.94 -2.29
C GLU C 151 -5.38 29.45 -1.40
N LEU C 152 -5.69 28.52 -0.51
CA LEU C 152 -4.69 27.97 0.39
C LEU C 152 -3.63 27.19 -0.39
N VAL C 153 -4.05 26.40 -1.37
CA VAL C 153 -3.06 25.70 -2.21
C VAL C 153 -2.19 26.71 -2.95
N LYS C 154 -2.80 27.78 -3.44
CA LYS C 154 -2.04 28.83 -4.10
C LYS C 154 -0.95 29.37 -3.19
N LEU C 155 -1.31 29.62 -1.94
CA LEU C 155 -0.38 30.14 -0.95
C LEU C 155 0.78 29.17 -0.66
N LEU C 156 0.44 27.92 -0.42
CA LEU C 156 1.44 26.89 -0.12
C LEU C 156 2.45 26.79 -1.25
N LEU C 157 1.95 26.83 -2.47
CA LEU C 157 2.81 26.77 -3.64
C LEU C 157 3.70 28.00 -3.74
N GLU C 158 3.15 29.16 -3.38
CA GLU C 158 3.91 30.40 -3.38
C GLU C 158 5.07 30.31 -2.43
N LYS C 159 4.82 29.63 -1.32
CA LYS C 159 5.77 29.52 -0.23
C LYS C 159 6.71 28.33 -0.36
N GLY C 160 6.66 27.67 -1.51
CA GLY C 160 7.65 26.65 -1.82
C GLY C 160 7.26 25.21 -1.54
N ALA C 161 5.96 24.95 -1.37
CA ALA C 161 5.54 23.57 -1.17
C ALA C 161 5.83 22.75 -2.43
N ASP C 162 6.20 21.48 -2.25
CA ASP C 162 6.49 20.61 -3.37
C ASP C 162 5.22 20.21 -4.08
N ILE C 163 5.05 20.69 -5.30
CA ILE C 163 3.78 20.46 -6.01
C ILE C 163 3.59 18.98 -6.38
N ASN C 164 4.67 18.22 -6.50
CA ASN C 164 4.54 16.81 -6.84
C ASN C 164 4.90 15.87 -5.69
N ALA C 165 4.68 16.34 -4.46
CA ALA C 165 4.92 15.50 -3.28
C ALA C 165 4.15 14.20 -3.38
N SER C 166 4.85 13.08 -3.27
CA SER C 166 4.25 11.76 -3.48
C SER C 166 4.57 10.75 -2.36
N ASP C 167 4.88 11.26 -1.17
CA ASP C 167 5.16 10.44 0.01
C ASP C 167 6.17 9.33 -0.26
N PHE C 168 5.81 8.11 0.13
CA PHE C 168 6.65 6.93 -0.05
C PHE C 168 6.55 6.27 -1.40
N SER C 169 7.28 5.16 -1.54
CA SER C 169 7.33 4.41 -2.79
C SER C 169 7.27 2.90 -2.55
N GLY C 170 7.26 2.11 -3.63
CA GLY C 170 7.40 0.69 -3.43
C GLY C 170 8.85 0.38 -3.11
N PRO C 171 9.12 -0.83 -2.58
CA PRO C 171 10.50 -1.17 -2.21
C PRO C 171 11.48 -1.16 -3.39
N THR C 172 12.68 -0.69 -3.12
CA THR C 172 13.77 -0.75 -4.06
C THR C 172 14.49 -2.10 -3.89
N PRO C 173 15.39 -2.43 -4.83
CA PRO C 173 16.17 -3.67 -4.74
C PRO C 173 16.93 -3.77 -3.44
N LEU C 174 17.41 -2.64 -2.92
CA LEU C 174 18.11 -2.62 -1.64
C LEU C 174 17.17 -3.00 -0.50
N HIS C 175 15.92 -2.52 -0.57
CA HIS C 175 14.89 -2.93 0.39
C HIS C 175 14.74 -4.45 0.38
N SER C 176 14.58 -5.00 -0.82
CA SER C 176 14.34 -6.42 -0.98
C SER C 176 15.53 -7.22 -0.47
N ALA C 177 16.73 -6.80 -0.81
CA ALA C 177 17.94 -7.50 -0.37
C ALA C 177 18.06 -7.46 1.16
N ALA C 178 17.78 -6.31 1.77
CA ALA C 178 17.90 -6.19 3.22
C ALA C 178 16.84 -7.01 3.97
N GLU C 179 15.61 -6.99 3.46
CA GLU C 179 14.51 -7.71 4.05
C GLU C 179 14.69 -9.23 4.01
N ASN C 180 15.22 -9.73 2.89
CA ASN C 180 15.35 -11.17 2.67
C ASN C 180 16.73 -11.70 3.00
N GLY C 181 17.51 -10.90 3.72
CA GLY C 181 18.79 -11.31 4.26
C GLY C 181 19.87 -11.67 3.26
N HIS C 182 19.96 -10.93 2.16
CA HIS C 182 21.01 -11.19 1.18
C HIS C 182 22.15 -10.21 1.33
N LEU C 183 23.13 -10.55 2.17
CA LEU C 183 24.21 -9.64 2.56
C LEU C 183 25.10 -9.19 1.40
N GLU C 184 25.62 -10.14 0.60
CA GLU C 184 26.51 -9.76 -0.49
C GLU C 184 25.77 -8.88 -1.51
N LEU C 185 24.51 -9.18 -1.73
CA LEU C 185 23.67 -8.36 -2.62
C LEU C 185 23.54 -6.93 -2.06
N VAL C 186 23.39 -6.81 -0.76
CA VAL C 186 23.30 -5.50 -0.13
C VAL C 186 24.58 -4.69 -0.36
N LYS C 187 25.72 -5.31 -0.16
CA LYS C 187 27.01 -4.66 -0.37
C LYS C 187 27.20 -4.24 -1.83
N LEU C 188 26.84 -5.12 -2.76
CA LEU C 188 26.92 -4.80 -4.18
C LEU C 188 26.05 -3.59 -4.53
N LEU C 189 24.82 -3.61 -4.04
CA LEU C 189 23.88 -2.53 -4.34
C LEU C 189 24.40 -1.21 -3.77
N LEU C 190 25.00 -1.28 -2.58
CA LEU C 190 25.56 -0.10 -1.95
C LEU C 190 26.71 0.47 -2.76
N GLU C 191 27.59 -0.41 -3.25
CA GLU C 191 28.73 -0.03 -4.06
C GLU C 191 28.30 0.61 -5.36
N LYS C 192 27.17 0.18 -5.90
CA LYS C 192 26.70 0.67 -7.19
C LYS C 192 25.85 1.92 -7.01
N GLY C 193 25.73 2.40 -5.78
CA GLY C 193 25.09 3.68 -5.55
C GLY C 193 23.60 3.59 -5.26
N ALA C 194 23.16 2.51 -4.63
CA ALA C 194 21.76 2.39 -4.23
C ALA C 194 21.43 3.43 -3.16
N ASP C 195 20.18 3.87 -3.13
CA ASP C 195 19.74 4.90 -2.19
C ASP C 195 19.39 4.32 -0.83
N ILE C 196 20.24 4.62 0.17
CA ILE C 196 20.03 4.08 1.50
C ILE C 196 18.86 4.74 2.21
N ASN C 197 18.46 5.92 1.74
CA ASN C 197 17.37 6.67 2.37
C ASN C 197 16.01 6.39 1.74
N ALA C 198 15.95 5.46 0.77
CA ALA C 198 14.67 5.15 0.11
C ALA C 198 13.66 4.64 1.14
N ARG C 199 12.40 5.05 0.98
CA ARG C 199 11.36 4.65 1.92
C ARG C 199 10.33 3.75 1.23
N ASP C 200 9.99 2.63 1.87
CA ASP C 200 9.03 1.70 1.26
C ASP C 200 7.60 2.14 1.53
N LYS C 201 6.64 1.29 1.22
CA LYS C 201 5.22 1.65 1.26
C LYS C 201 4.79 2.03 2.69
N PHE C 202 5.50 1.51 3.69
CA PHE C 202 5.26 1.89 5.08
C PHE C 202 6.23 2.97 5.55
N GLY C 203 7.01 3.52 4.62
CA GLY C 203 7.93 4.58 4.97
C GLY C 203 9.21 4.10 5.61
N LYS C 204 9.48 2.79 5.51
CA LYS C 204 10.69 2.22 6.13
C LYS C 204 11.86 2.21 5.17
N THR C 205 13.06 2.38 5.73
CA THR C 205 14.29 2.31 4.97
C THR C 205 14.79 0.85 4.96
N PRO C 206 15.76 0.56 4.09
CA PRO C 206 16.33 -0.79 4.10
C PRO C 206 16.92 -1.16 5.46
N PHE C 207 17.50 -0.19 6.18
CA PHE C 207 18.02 -0.44 7.52
C PHE C 207 16.90 -0.88 8.46
N ASP C 208 15.74 -0.21 8.39
CA ASP C 208 14.59 -0.61 9.20
C ASP C 208 14.16 -2.05 8.94
N LEU C 209 14.12 -2.41 7.66
CA LEU C 209 13.74 -3.75 7.26
C LEU C 209 14.77 -4.77 7.74
N ALA C 210 16.04 -4.38 7.74
CA ALA C 210 17.08 -5.29 8.24
C ALA C 210 16.83 -5.63 9.72
N ILE C 211 16.56 -4.60 10.51
CA ILE C 211 16.26 -4.79 11.93
C ILE C 211 15.00 -5.61 12.15
N ASP C 212 13.94 -5.30 11.40
CA ASP C 212 12.66 -6.00 11.51
C ASP C 212 12.80 -7.50 11.29
N ASN C 213 13.68 -7.85 10.37
CA ASN C 213 13.88 -9.27 10.02
C ASN C 213 15.03 -9.92 10.77
N GLY C 214 15.66 -9.17 11.66
CA GLY C 214 16.77 -9.68 12.47
C GLY C 214 18.05 -9.96 11.70
N ASN C 215 18.27 -9.19 10.64
CA ASN C 215 19.48 -9.33 9.84
C ASN C 215 20.57 -8.37 10.28
N GLU C 216 21.31 -8.78 11.31
CA GLU C 216 22.31 -7.91 11.93
C GLU C 216 23.46 -7.45 11.05
N ASP C 217 24.08 -8.39 10.35
CA ASP C 217 25.23 -8.04 9.53
C ASP C 217 24.81 -7.04 8.46
N ILE C 218 23.67 -7.26 7.85
CA ILE C 218 23.17 -6.31 6.87
C ILE C 218 22.90 -4.96 7.52
N ALA C 219 22.31 -4.98 8.72
CA ALA C 219 22.00 -3.74 9.41
C ALA C 219 23.25 -2.91 9.69
N GLU C 220 24.32 -3.61 10.07
CA GLU C 220 25.60 -2.99 10.35
C GLU C 220 26.20 -2.35 9.11
N VAL C 221 26.16 -3.07 8.00
CA VAL C 221 26.67 -2.55 6.74
C VAL C 221 25.91 -1.29 6.33
N LEU C 222 24.60 -1.30 6.49
CA LEU C 222 23.78 -0.14 6.14
C LEU C 222 24.09 1.04 7.06
N GLN C 223 24.31 0.75 8.33
CA GLN C 223 24.69 1.81 9.27
C GLN C 223 26.03 2.44 8.91
N LYS C 224 26.99 1.60 8.54
CA LYS C 224 28.30 2.08 8.12
C LYS C 224 28.21 2.93 6.87
N ALA C 225 27.31 2.56 5.96
CA ALA C 225 27.06 3.35 4.76
C ALA C 225 26.50 4.71 5.13
N ALA C 226 25.53 4.72 6.04
CA ALA C 226 24.92 5.97 6.52
C ALA C 226 25.97 6.90 7.12
N ARG C 227 26.86 6.35 7.94
CA ARG C 227 27.94 7.12 8.55
C ARG C 227 28.92 7.65 7.49
N SER C 228 29.25 6.80 6.52
CA SER C 228 30.14 7.19 5.43
C SER C 228 29.68 8.50 4.80
N HIS C 229 28.37 8.62 4.59
CA HIS C 229 27.81 9.79 3.93
C HIS C 229 27.88 10.98 4.89
N HIS C 230 28.01 10.68 6.19
CA HIS C 230 28.16 11.71 7.21
C HIS C 230 29.62 11.89 7.60
N ASP D 4 -9.31 -36.16 -24.09
CA ASP D 4 -9.08 -37.61 -24.20
C ASP D 4 -7.93 -37.86 -25.17
N ILE D 5 -8.21 -37.72 -26.47
CA ILE D 5 -7.16 -37.79 -27.47
C ILE D 5 -6.28 -36.56 -27.32
N GLY D 6 -6.91 -35.44 -26.98
CA GLY D 6 -6.17 -34.23 -26.71
C GLY D 6 -5.44 -34.40 -25.40
N LYS D 7 -6.09 -35.10 -24.46
CA LYS D 7 -5.53 -35.31 -23.14
C LYS D 7 -4.31 -36.25 -23.28
N LYS D 8 -4.37 -37.19 -24.24
CA LYS D 8 -3.22 -38.04 -24.55
C LYS D 8 -2.11 -37.29 -25.25
N LEU D 9 -2.45 -36.37 -26.15
CA LEU D 9 -1.44 -35.55 -26.79
C LEU D 9 -0.69 -34.68 -25.75
N LEU D 10 -1.44 -34.16 -24.79
CA LEU D 10 -0.84 -33.32 -23.76
C LEU D 10 0.11 -34.10 -22.88
N GLU D 11 -0.29 -35.30 -22.50
CA GLU D 11 0.51 -36.17 -21.67
C GLU D 11 1.80 -36.49 -22.42
N ALA D 12 1.66 -36.79 -23.71
CA ALA D 12 2.80 -37.13 -24.55
C ALA D 12 3.76 -35.95 -24.75
N ALA D 13 3.20 -34.77 -24.99
CA ALA D 13 4.03 -33.59 -25.21
C ALA D 13 4.79 -33.21 -23.94
N ARG D 14 4.14 -33.42 -22.80
CA ARG D 14 4.72 -33.07 -21.51
C ARG D 14 5.89 -33.99 -21.20
N ALA D 15 5.71 -35.28 -21.51
CA ALA D 15 6.71 -36.28 -21.20
C ALA D 15 7.79 -36.37 -22.30
N GLY D 16 7.62 -35.58 -23.35
CA GLY D 16 8.60 -35.54 -24.43
C GLY D 16 8.67 -36.81 -25.27
N HIS D 17 7.51 -37.38 -25.61
CA HIS D 17 7.45 -38.61 -26.42
C HIS D 17 7.21 -38.24 -27.88
N ASP D 18 8.28 -38.07 -28.66
CA ASP D 18 8.12 -37.52 -30.01
C ASP D 18 7.30 -38.38 -30.98
N ASP D 19 7.47 -39.70 -30.92
CA ASP D 19 6.73 -40.58 -31.82
C ASP D 19 5.25 -40.65 -31.44
N SER D 20 4.97 -40.70 -30.14
CA SER D 20 3.58 -40.72 -29.70
C SER D 20 2.88 -39.43 -30.14
N VAL D 21 3.56 -38.29 -30.01
CA VAL D 21 3.00 -37.02 -30.46
C VAL D 21 2.74 -37.00 -31.97
N GLU D 22 3.73 -37.42 -32.75
CA GLU D 22 3.62 -37.45 -34.20
C GLU D 22 2.50 -38.36 -34.65
N VAL D 23 2.42 -39.53 -34.01
CA VAL D 23 1.35 -40.46 -34.34
C VAL D 23 -0.02 -39.85 -34.05
N LEU D 24 -0.19 -39.23 -32.90
CA LEU D 24 -1.49 -38.64 -32.53
C LEU D 24 -1.87 -37.49 -33.44
N LEU D 25 -0.89 -36.67 -33.80
CA LEU D 25 -1.12 -35.55 -34.69
C LEU D 25 -1.54 -36.03 -36.07
N LYS D 26 -0.89 -37.09 -36.53
CA LYS D 26 -1.19 -37.67 -37.82
C LYS D 26 -2.67 -38.10 -37.84
N LYS D 27 -3.17 -38.54 -36.68
CA LYS D 27 -4.59 -38.93 -36.54
C LYS D 27 -5.56 -37.75 -36.32
N GLY D 28 -5.09 -36.52 -36.52
CA GLY D 28 -5.94 -35.35 -36.41
C GLY D 28 -6.19 -34.81 -35.00
N ALA D 29 -5.25 -35.06 -34.10
CA ALA D 29 -5.38 -34.57 -32.74
C ALA D 29 -5.30 -33.05 -32.71
N ASP D 30 -6.01 -32.44 -31.77
CA ASP D 30 -5.99 -30.99 -31.61
C ASP D 30 -4.60 -30.58 -31.12
N ILE D 31 -3.82 -29.94 -32.00
CA ILE D 31 -2.45 -29.60 -31.69
C ILE D 31 -2.34 -28.55 -30.59
N ASN D 32 -3.39 -27.75 -30.43
CA ASN D 32 -3.44 -26.72 -29.40
C ASN D 32 -4.41 -27.08 -28.28
N ALA D 33 -4.62 -28.37 -28.03
CA ALA D 33 -5.52 -28.82 -26.98
C ALA D 33 -5.10 -28.30 -25.59
N LYS D 34 -6.09 -27.91 -24.79
CA LYS D 34 -5.82 -27.33 -23.48
C LYS D 34 -6.21 -28.24 -22.32
N ASP D 35 -5.34 -28.29 -21.31
CA ASP D 35 -5.65 -29.02 -20.10
C ASP D 35 -6.50 -28.14 -19.18
N ASN D 36 -6.71 -28.57 -17.95
CA ASN D 36 -7.54 -27.82 -17.01
C ASN D 36 -6.98 -26.44 -16.67
N SER D 37 -5.68 -26.24 -16.91
CA SER D 37 -5.03 -24.96 -16.66
C SER D 37 -4.83 -24.14 -17.93
N GLY D 38 -5.37 -24.62 -19.06
CA GLY D 38 -5.33 -23.88 -20.31
C GLY D 38 -4.03 -23.99 -21.09
N ARG D 39 -3.15 -24.87 -20.64
CA ARG D 39 -1.88 -25.09 -21.30
C ARG D 39 -1.99 -26.00 -22.52
N THR D 40 -1.24 -25.66 -23.56
CA THR D 40 -1.20 -26.44 -24.78
C THR D 40 -0.06 -27.44 -24.74
N PRO D 41 0.00 -28.36 -25.71
CA PRO D 41 1.18 -29.22 -25.77
C PRO D 41 2.48 -28.43 -25.86
N LEU D 42 2.44 -27.31 -26.55
CA LEU D 42 3.62 -26.46 -26.70
C LEU D 42 4.06 -25.95 -25.32
N HIS D 43 3.07 -25.60 -24.47
CA HIS D 43 3.37 -25.14 -23.11
C HIS D 43 4.08 -26.21 -22.31
N VAL D 44 3.47 -27.38 -22.23
CA VAL D 44 4.01 -28.45 -21.41
C VAL D 44 5.33 -28.98 -21.97
N ALA D 45 5.48 -28.98 -23.29
CA ALA D 45 6.75 -29.35 -23.89
C ALA D 45 7.82 -28.35 -23.49
N ALA D 46 7.48 -27.06 -23.54
CA ALA D 46 8.40 -26.00 -23.16
C ALA D 46 8.76 -26.05 -21.67
N LEU D 47 7.79 -26.46 -20.86
CA LEU D 47 7.96 -26.55 -19.42
C LEU D 47 9.10 -27.49 -19.07
N ASN D 48 9.11 -28.66 -19.71
CA ASN D 48 10.09 -29.68 -19.40
C ASN D 48 11.26 -29.65 -20.38
N GLY D 49 11.38 -28.59 -21.16
CA GLY D 49 12.55 -28.42 -22.01
C GLY D 49 12.74 -29.47 -23.10
N HIS D 50 11.65 -29.95 -23.69
CA HIS D 50 11.73 -30.90 -24.78
C HIS D 50 11.87 -30.15 -26.10
N LEU D 51 13.11 -29.85 -26.46
CA LEU D 51 13.40 -28.97 -27.59
C LEU D 51 12.91 -29.54 -28.91
N GLU D 52 13.25 -30.80 -29.18
CA GLU D 52 12.90 -31.42 -30.45
C GLU D 52 11.38 -31.57 -30.60
N LEU D 53 10.72 -31.89 -29.49
CA LEU D 53 9.28 -32.02 -29.50
C LEU D 53 8.61 -30.67 -29.83
N VAL D 54 9.20 -29.58 -29.34
CA VAL D 54 8.68 -28.24 -29.65
C VAL D 54 8.92 -27.89 -31.12
N LYS D 55 10.06 -28.32 -31.68
CA LYS D 55 10.30 -28.08 -33.10
C LYS D 55 9.26 -28.81 -33.91
N LEU D 56 8.93 -30.03 -33.49
CA LEU D 56 7.92 -30.82 -34.17
C LEU D 56 6.54 -30.17 -34.11
N LEU D 57 6.15 -29.72 -32.92
CA LEU D 57 4.87 -29.05 -32.74
C LEU D 57 4.81 -27.80 -33.60
N LEU D 58 5.88 -27.01 -33.56
CA LEU D 58 5.94 -25.77 -34.33
C LEU D 58 5.82 -26.05 -35.83
N GLU D 59 6.52 -27.06 -36.31
CA GLU D 59 6.46 -27.35 -37.73
C GLU D 59 5.08 -27.86 -38.14
N LYS D 60 4.31 -28.39 -37.19
CA LYS D 60 2.98 -28.90 -37.51
C LYS D 60 1.88 -27.87 -37.28
N GLY D 61 2.28 -26.62 -37.08
CA GLY D 61 1.33 -25.51 -37.01
C GLY D 61 0.85 -25.15 -35.61
N ALA D 62 1.60 -25.54 -34.59
CA ALA D 62 1.21 -25.21 -33.22
C ALA D 62 1.18 -23.70 -33.01
N ASP D 63 0.27 -23.24 -32.16
CA ASP D 63 0.13 -21.83 -31.83
C ASP D 63 1.23 -21.38 -30.86
N ILE D 64 2.20 -20.66 -31.39
CA ILE D 64 3.37 -20.29 -30.63
C ILE D 64 3.05 -19.28 -29.54
N ASN D 65 1.99 -18.51 -29.74
CA ASN D 65 1.59 -17.50 -28.78
C ASN D 65 0.32 -17.86 -28.00
N ALA D 66 0.03 -19.15 -27.87
CA ALA D 66 -1.13 -19.60 -27.09
C ALA D 66 -1.08 -19.10 -25.64
N ARG D 67 -2.25 -18.86 -25.04
CA ARG D 67 -2.34 -18.33 -23.69
C ARG D 67 -2.99 -19.35 -22.79
N ASP D 68 -2.41 -19.62 -21.61
CA ASP D 68 -3.09 -20.49 -20.66
C ASP D 68 -4.04 -19.64 -19.83
N MET D 69 -4.63 -20.22 -18.78
CA MET D 69 -5.63 -19.48 -18.01
C MET D 69 -5.06 -18.24 -17.30
N PHE D 70 -3.75 -18.24 -17.08
CA PHE D 70 -3.09 -17.13 -16.43
C PHE D 70 -2.46 -16.18 -17.44
N GLY D 71 -2.69 -16.45 -18.73
CA GLY D 71 -2.14 -15.59 -19.77
C GLY D 71 -0.67 -15.83 -20.04
N LEU D 72 -0.16 -16.99 -19.60
CA LEU D 72 1.22 -17.38 -19.85
C LEU D 72 1.39 -17.98 -21.23
N THR D 73 2.41 -17.55 -21.97
CA THR D 73 2.71 -18.16 -23.27
C THR D 73 3.74 -19.27 -23.13
N PRO D 74 3.92 -20.07 -24.20
CA PRO D 74 4.99 -21.05 -24.10
C PRO D 74 6.34 -20.39 -23.79
N LEU D 75 6.59 -19.19 -24.30
CA LEU D 75 7.85 -18.49 -24.02
C LEU D 75 8.00 -18.15 -22.54
N HIS D 76 6.91 -17.76 -21.91
CA HIS D 76 6.93 -17.50 -20.46
C HIS D 76 7.45 -18.76 -19.76
N THR D 77 6.85 -19.90 -20.11
CA THR D 77 7.14 -21.13 -19.39
C THR D 77 8.58 -21.58 -19.65
N ALA D 78 9.03 -21.48 -20.89
CA ALA D 78 10.41 -21.87 -21.22
C ALA D 78 11.41 -20.95 -20.53
N ALA D 79 11.11 -19.66 -20.50
CA ALA D 79 12.01 -18.69 -19.84
C ALA D 79 12.06 -18.92 -18.34
N SER D 80 10.90 -19.17 -17.75
CA SER D 80 10.79 -19.39 -16.31
C SER D 80 11.60 -20.59 -15.86
N ASN D 81 11.59 -21.64 -16.68
CA ASN D 81 12.29 -22.88 -16.34
C ASN D 81 13.71 -22.96 -16.88
N GLY D 82 14.21 -21.86 -17.44
CA GLY D 82 15.61 -21.79 -17.81
C GLY D 82 16.06 -22.71 -18.92
N HIS D 83 15.20 -22.87 -19.92
CA HIS D 83 15.56 -23.69 -21.07
C HIS D 83 16.04 -22.78 -22.20
N LEU D 84 17.34 -22.54 -22.25
CA LEU D 84 17.92 -21.51 -23.11
C LEU D 84 17.69 -21.72 -24.61
N GLU D 85 18.06 -22.89 -25.11
CA GLU D 85 17.95 -23.18 -26.53
C GLU D 85 16.49 -23.20 -26.98
N LEU D 86 15.61 -23.66 -26.11
CA LEU D 86 14.21 -23.74 -26.42
C LEU D 86 13.65 -22.30 -26.52
N VAL D 87 14.04 -21.43 -25.59
CA VAL D 87 13.66 -20.03 -25.68
C VAL D 87 14.19 -19.43 -26.98
N LYS D 88 15.44 -19.77 -27.32
CA LYS D 88 16.04 -19.35 -28.57
C LYS D 88 15.18 -19.80 -29.75
N LEU D 89 14.75 -21.06 -29.75
CA LEU D 89 13.92 -21.56 -30.85
C LEU D 89 12.60 -20.78 -30.94
N LEU D 90 11.96 -20.57 -29.80
CA LEU D 90 10.67 -19.86 -29.75
C LEU D 90 10.78 -18.45 -30.30
N LEU D 91 11.81 -17.72 -29.89
CA LEU D 91 11.98 -16.35 -30.37
C LEU D 91 12.21 -16.31 -31.87
N GLU D 92 13.01 -17.26 -32.34
CA GLU D 92 13.25 -17.40 -33.77
C GLU D 92 12.04 -17.91 -34.55
N LYS D 93 11.09 -18.58 -33.92
CA LYS D 93 9.92 -18.92 -34.69
C LYS D 93 8.76 -17.92 -34.46
N GLY D 94 9.08 -16.78 -33.85
CA GLY D 94 8.15 -15.66 -33.76
C GLY D 94 7.43 -15.39 -32.44
N ALA D 95 7.93 -15.97 -31.36
CA ALA D 95 7.31 -15.76 -30.06
C ALA D 95 7.42 -14.30 -29.69
N ASP D 96 6.39 -13.79 -29.03
CA ASP D 96 6.34 -12.40 -28.58
C ASP D 96 7.15 -12.22 -27.30
N ILE D 97 8.29 -11.54 -27.43
CA ILE D 97 9.25 -11.46 -26.33
C ILE D 97 8.70 -10.60 -25.20
N ASN D 98 7.77 -9.70 -25.52
CA ASN D 98 7.22 -8.78 -24.52
C ASN D 98 5.82 -9.15 -24.07
N ALA D 99 5.43 -10.41 -24.31
CA ALA D 99 4.14 -10.88 -23.88
C ALA D 99 3.99 -10.78 -22.37
N ARG D 100 2.80 -10.35 -21.91
CA ARG D 100 2.52 -10.22 -20.47
C ARG D 100 1.37 -11.11 -20.02
N ASP D 101 1.52 -11.77 -18.89
CA ASP D 101 0.45 -12.61 -18.37
C ASP D 101 -0.54 -11.77 -17.58
N GLU D 102 -1.43 -12.46 -16.88
CA GLU D 102 -2.55 -11.83 -16.18
C GLU D 102 -2.10 -10.79 -15.16
N ASP D 103 -0.92 -11.02 -14.57
CA ASP D 103 -0.34 -10.09 -13.61
C ASP D 103 0.62 -9.09 -14.27
N GLY D 104 0.74 -9.15 -15.59
CA GLY D 104 1.58 -8.21 -16.31
C GLY D 104 3.05 -8.64 -16.36
N SER D 105 3.33 -9.90 -16.03
CA SER D 105 4.72 -10.40 -16.03
C SER D 105 5.16 -10.78 -17.45
N THR D 106 6.38 -10.37 -17.82
CA THR D 106 6.97 -10.73 -19.10
C THR D 106 7.86 -11.98 -18.91
N PRO D 107 8.28 -12.63 -20.02
CA PRO D 107 9.20 -13.76 -19.83
C PRO D 107 10.47 -13.35 -19.07
N LEU D 108 10.96 -12.13 -19.29
CA LEU D 108 12.14 -11.64 -18.60
C LEU D 108 11.95 -11.57 -17.07
N HIS D 109 10.75 -11.19 -16.64
CA HIS D 109 10.40 -11.17 -15.22
C HIS D 109 10.64 -12.52 -14.57
N LEU D 110 10.07 -13.56 -15.20
CA LEU D 110 10.13 -14.89 -14.64
C LEU D 110 11.54 -15.46 -14.67
N ALA D 111 12.27 -15.21 -15.76
CA ALA D 111 13.63 -15.72 -15.89
C ALA D 111 14.50 -15.08 -14.84
N ALA D 112 14.25 -13.79 -14.59
CA ALA D 112 15.01 -13.06 -13.58
C ALA D 112 14.64 -13.53 -12.19
N SER D 113 13.35 -13.78 -11.97
CA SER D 113 12.91 -14.25 -10.66
C SER D 113 13.56 -15.58 -10.29
N ASN D 114 13.82 -16.43 -11.28
CA ASN D 114 14.41 -17.74 -11.00
C ASN D 114 15.92 -17.78 -11.22
N GLY D 115 16.52 -16.64 -11.54
CA GLY D 115 17.97 -16.54 -11.62
C GLY D 115 18.63 -17.20 -12.82
N HIS D 116 17.90 -17.27 -13.91
CA HIS D 116 18.43 -17.87 -15.12
C HIS D 116 19.23 -16.83 -15.91
N LEU D 117 20.50 -16.70 -15.54
CA LEU D 117 21.42 -15.67 -16.04
C LEU D 117 21.52 -15.70 -17.56
N GLU D 118 21.83 -16.87 -18.11
CA GLU D 118 22.02 -16.98 -19.54
C GLU D 118 20.73 -16.69 -20.29
N LEU D 119 19.59 -17.09 -19.72
CA LEU D 119 18.29 -16.78 -20.31
C LEU D 119 18.04 -15.29 -20.36
N VAL D 120 18.35 -14.61 -19.25
CA VAL D 120 18.16 -13.18 -19.20
C VAL D 120 19.02 -12.51 -20.27
N LYS D 121 20.25 -12.97 -20.40
CA LYS D 121 21.15 -12.44 -21.43
C LYS D 121 20.54 -12.55 -22.83
N LEU D 122 19.99 -13.72 -23.15
CA LEU D 122 19.39 -13.94 -24.45
C LEU D 122 18.19 -13.03 -24.67
N LEU D 123 17.32 -12.95 -23.67
CA LEU D 123 16.11 -12.14 -23.75
C LEU D 123 16.46 -10.69 -24.01
N LEU D 124 17.44 -10.17 -23.27
CA LEU D 124 17.88 -8.81 -23.45
C LEU D 124 18.46 -8.60 -24.85
N GLU D 125 19.24 -9.57 -25.30
CA GLU D 125 19.85 -9.48 -26.62
C GLU D 125 18.78 -9.42 -27.71
N LYS D 126 17.68 -10.11 -27.48
CA LYS D 126 16.61 -10.21 -28.47
C LYS D 126 15.57 -9.10 -28.31
N GLY D 127 15.89 -8.11 -27.48
CA GLY D 127 15.11 -6.89 -27.38
C GLY D 127 14.09 -6.77 -26.25
N ALA D 128 14.23 -7.62 -25.23
CA ALA D 128 13.35 -7.53 -24.08
C ALA D 128 13.59 -6.23 -23.32
N ASP D 129 12.50 -5.64 -22.83
CA ASP D 129 12.58 -4.40 -22.06
C ASP D 129 13.05 -4.68 -20.62
N ILE D 130 14.25 -4.22 -20.31
CA ILE D 130 14.86 -4.53 -19.02
C ILE D 130 14.11 -3.79 -17.89
N ASN D 131 13.39 -2.73 -18.25
CA ASN D 131 12.65 -1.95 -17.25
C ASN D 131 11.15 -2.20 -17.31
N ALA D 132 10.75 -3.33 -17.90
CA ALA D 132 9.33 -3.68 -17.98
C ALA D 132 8.73 -3.79 -16.57
N GLU D 133 7.54 -3.22 -16.39
CA GLU D 133 6.85 -3.30 -15.10
C GLU D 133 5.64 -4.22 -15.20
N ASP D 134 5.40 -5.03 -14.18
CA ASP D 134 4.17 -5.81 -14.12
C ASP D 134 3.03 -4.92 -13.61
N HIS D 135 1.87 -5.50 -13.32
CA HIS D 135 0.73 -4.69 -12.89
C HIS D 135 1.01 -4.09 -11.51
N SER D 136 1.99 -4.64 -10.81
CA SER D 136 2.38 -4.08 -9.51
C SER D 136 3.48 -3.01 -9.61
N GLY D 137 3.89 -2.68 -10.84
CA GLY D 137 4.93 -1.69 -11.08
C GLY D 137 6.36 -2.17 -10.83
N THR D 138 6.52 -3.48 -10.63
CA THR D 138 7.84 -4.05 -10.32
C THR D 138 8.55 -4.65 -11.56
N THR D 139 9.86 -4.50 -11.58
CA THR D 139 10.72 -4.87 -12.68
C THR D 139 11.40 -6.23 -12.46
N PRO D 140 12.03 -6.78 -13.52
CA PRO D 140 12.75 -8.03 -13.37
C PRO D 140 13.80 -7.96 -12.26
N LEU D 141 14.48 -6.83 -12.14
CA LEU D 141 15.50 -6.63 -11.10
C LEU D 141 14.93 -6.78 -9.71
N HIS D 142 13.69 -6.33 -9.53
CA HIS D 142 13.03 -6.44 -8.23
C HIS D 142 12.99 -7.92 -7.82
N PHE D 143 12.61 -8.78 -8.76
CA PHE D 143 12.48 -10.18 -8.44
C PHE D 143 13.86 -10.82 -8.27
N ALA D 144 14.84 -10.39 -9.05
CA ALA D 144 16.19 -10.95 -8.94
C ALA D 144 16.80 -10.63 -7.59
N ALA D 145 16.58 -9.40 -7.14
CA ALA D 145 17.15 -8.94 -5.89
C ALA D 145 16.44 -9.60 -4.72
N LYS D 146 15.13 -9.68 -4.81
CA LYS D 146 14.31 -10.26 -3.76
C LYS D 146 14.65 -11.73 -3.52
N ASN D 147 14.89 -12.45 -4.61
CA ASN D 147 15.13 -13.89 -4.55
C ASN D 147 16.60 -14.24 -4.47
N GLY D 148 17.43 -13.22 -4.23
CA GLY D 148 18.83 -13.40 -3.92
C GLY D 148 19.71 -13.85 -5.07
N HIS D 149 19.42 -13.41 -6.29
CA HIS D 149 20.27 -13.81 -7.40
C HIS D 149 21.34 -12.77 -7.70
N LEU D 150 22.47 -12.90 -7.02
CA LEU D 150 23.55 -11.91 -7.06
C LEU D 150 24.11 -11.66 -8.45
N GLU D 151 24.55 -12.71 -9.14
CA GLU D 151 25.13 -12.56 -10.47
C GLU D 151 24.11 -11.94 -11.43
N LEU D 152 22.87 -12.36 -11.31
CA LEU D 152 21.80 -11.81 -12.15
C LEU D 152 21.59 -10.32 -11.93
N VAL D 153 21.66 -9.91 -10.67
CA VAL D 153 21.54 -8.49 -10.33
C VAL D 153 22.70 -7.71 -10.94
N LYS D 154 23.89 -8.28 -10.89
CA LYS D 154 25.06 -7.66 -11.47
C LYS D 154 24.85 -7.40 -12.94
N LEU D 155 24.37 -8.43 -13.65
CA LEU D 155 24.14 -8.32 -15.07
C LEU D 155 23.07 -7.28 -15.38
N LEU D 156 21.95 -7.33 -14.67
CA LEU D 156 20.85 -6.37 -14.90
C LEU D 156 21.31 -4.93 -14.69
N LEU D 157 22.08 -4.69 -13.63
CA LEU D 157 22.57 -3.34 -13.34
C LEU D 157 23.53 -2.91 -14.45
N GLU D 158 24.32 -3.86 -14.93
CA GLU D 158 25.27 -3.64 -16.01
C GLU D 158 24.58 -3.24 -17.31
N LYS D 159 23.40 -3.81 -17.54
CA LYS D 159 22.69 -3.59 -18.80
C LYS D 159 21.72 -2.41 -18.70
N GLY D 160 21.80 -1.68 -17.59
CA GLY D 160 21.09 -0.42 -17.44
C GLY D 160 19.77 -0.43 -16.67
N ALA D 161 19.52 -1.48 -15.89
CA ALA D 161 18.33 -1.49 -15.04
C ALA D 161 18.46 -0.41 -13.97
N ASP D 162 17.34 0.20 -13.58
CA ASP D 162 17.37 1.25 -12.56
C ASP D 162 17.59 0.66 -11.17
N ILE D 163 18.72 0.99 -10.58
CA ILE D 163 19.10 0.40 -9.29
C ILE D 163 18.15 0.83 -8.18
N ASN D 164 17.45 1.95 -8.37
CA ASN D 164 16.51 2.45 -7.36
C ASN D 164 15.04 2.31 -7.80
N ALA D 165 14.76 1.35 -8.68
CA ALA D 165 13.40 1.09 -9.14
C ALA D 165 12.44 0.84 -7.97
N SER D 166 11.36 1.62 -7.92
CA SER D 166 10.48 1.58 -6.75
C SER D 166 8.96 1.50 -7.06
N ASP D 167 8.61 0.96 -8.22
CA ASP D 167 7.22 0.82 -8.70
C ASP D 167 6.53 2.20 -8.65
N PHE D 168 5.34 2.20 -8.07
CA PHE D 168 4.50 3.35 -7.87
C PHE D 168 4.86 4.18 -6.62
N SER D 169 4.05 5.20 -6.38
CA SER D 169 4.21 6.12 -5.25
C SER D 169 2.86 6.39 -4.57
N GLY D 170 2.88 7.17 -3.49
CA GLY D 170 1.61 7.64 -2.98
C GLY D 170 1.07 8.75 -3.88
N PRO D 171 -0.21 9.10 -3.70
CA PRO D 171 -0.88 10.13 -4.51
C PRO D 171 -0.22 11.50 -4.40
N THR D 172 -0.18 12.23 -5.51
CA THR D 172 0.26 13.63 -5.52
C THR D 172 -0.95 14.51 -5.28
N PRO D 173 -0.72 15.81 -5.04
CA PRO D 173 -1.83 16.74 -4.89
C PRO D 173 -2.76 16.73 -6.10
N LEU D 174 -2.22 16.56 -7.31
CA LEU D 174 -3.04 16.51 -8.52
C LEU D 174 -3.94 15.28 -8.51
N HIS D 175 -3.42 14.15 -8.02
CA HIS D 175 -4.24 12.96 -7.80
C HIS D 175 -5.42 13.28 -6.90
N SER D 176 -5.12 13.89 -5.74
CA SER D 176 -6.15 14.18 -4.76
C SER D 176 -7.21 15.13 -5.30
N ALA D 177 -6.78 16.18 -6.00
CA ALA D 177 -7.73 17.16 -6.55
C ALA D 177 -8.64 16.55 -7.59
N ALA D 178 -8.08 15.73 -8.46
CA ALA D 178 -8.82 15.08 -9.54
C ALA D 178 -9.78 14.05 -8.96
N GLU D 179 -9.29 13.30 -7.99
CA GLU D 179 -10.08 12.26 -7.34
C GLU D 179 -11.29 12.85 -6.65
N ASN D 180 -11.13 14.03 -6.05
CA ASN D 180 -12.21 14.65 -5.27
C ASN D 180 -12.99 15.71 -6.04
N GLY D 181 -12.82 15.75 -7.36
CA GLY D 181 -13.59 16.62 -8.23
C GLY D 181 -13.41 18.12 -8.03
N HIS D 182 -12.20 18.55 -7.76
CA HIS D 182 -11.90 19.97 -7.63
C HIS D 182 -11.29 20.52 -8.90
N LEU D 183 -12.16 20.98 -9.81
CA LEU D 183 -11.77 21.35 -11.15
C LEU D 183 -10.79 22.52 -11.23
N GLU D 184 -11.11 23.61 -10.54
CA GLU D 184 -10.23 24.78 -10.58
C GLU D 184 -8.89 24.44 -9.90
N LEU D 185 -8.95 23.62 -8.87
CA LEU D 185 -7.73 23.15 -8.22
C LEU D 185 -6.87 22.36 -9.21
N VAL D 186 -7.49 21.52 -10.02
CA VAL D 186 -6.72 20.78 -11.04
C VAL D 186 -6.09 21.71 -12.06
N LYS D 187 -6.83 22.72 -12.51
CA LYS D 187 -6.29 23.66 -13.49
C LYS D 187 -5.08 24.40 -12.93
N LEU D 188 -5.20 24.87 -11.69
CA LEU D 188 -4.11 25.58 -11.03
C LEU D 188 -2.86 24.71 -10.90
N LEU D 189 -3.05 23.49 -10.43
CA LEU D 189 -1.92 22.57 -10.21
C LEU D 189 -1.22 22.28 -11.53
N LEU D 190 -2.00 22.09 -12.59
CA LEU D 190 -1.46 21.85 -13.91
C LEU D 190 -0.64 23.03 -14.40
N GLU D 191 -1.19 24.22 -14.17
CA GLU D 191 -0.56 25.48 -14.59
C GLU D 191 0.78 25.69 -13.88
N LYS D 192 0.86 25.24 -12.63
CA LYS D 192 2.07 25.42 -11.81
C LYS D 192 3.03 24.25 -11.96
N GLY D 193 2.70 23.34 -12.88
CA GLY D 193 3.62 22.29 -13.26
C GLY D 193 3.46 20.95 -12.57
N ALA D 194 2.25 20.61 -12.14
CA ALA D 194 2.04 19.29 -11.55
C ALA D 194 2.26 18.22 -12.62
N ASP D 195 2.73 17.05 -12.19
CA ASP D 195 3.06 15.93 -13.07
C ASP D 195 1.83 15.08 -13.41
N ILE D 196 1.36 15.18 -14.66
CA ILE D 196 0.17 14.45 -15.08
C ILE D 196 0.39 12.94 -15.16
N ASN D 197 1.65 12.54 -15.29
CA ASN D 197 1.97 11.12 -15.44
C ASN D 197 2.28 10.42 -14.12
N ALA D 198 2.14 11.12 -13.00
CA ALA D 198 2.39 10.52 -11.69
C ALA D 198 1.45 9.34 -11.42
N ARG D 199 1.98 8.28 -10.81
CA ARG D 199 1.18 7.10 -10.52
C ARG D 199 1.03 6.88 -9.02
N ASP D 200 -0.21 6.64 -8.60
CA ASP D 200 -0.50 6.42 -7.18
C ASP D 200 -0.24 4.96 -6.82
N LYS D 201 -0.68 4.56 -5.65
CA LYS D 201 -0.31 3.26 -5.07
C LYS D 201 -0.81 2.06 -5.88
N PHE D 202 -1.88 2.25 -6.64
CA PHE D 202 -2.34 1.21 -7.56
C PHE D 202 -1.86 1.46 -8.96
N GLY D 203 -0.95 2.41 -9.13
CA GLY D 203 -0.40 2.70 -10.44
C GLY D 203 -1.29 3.59 -11.30
N LYS D 204 -2.24 4.25 -10.67
CA LYS D 204 -3.17 5.10 -11.43
C LYS D 204 -2.67 6.53 -11.56
N THR D 205 -2.94 7.13 -12.71
CA THR D 205 -2.65 8.55 -12.92
C THR D 205 -3.84 9.39 -12.43
N PRO D 206 -3.67 10.71 -12.32
CA PRO D 206 -4.82 11.56 -11.97
C PRO D 206 -5.99 11.44 -12.94
N PHE D 207 -5.70 11.28 -14.22
CA PHE D 207 -6.74 11.07 -15.23
C PHE D 207 -7.54 9.82 -14.91
N ASP D 208 -6.82 8.74 -14.55
CA ASP D 208 -7.47 7.49 -14.17
C ASP D 208 -8.40 7.66 -12.98
N LEU D 209 -7.95 8.40 -11.97
CA LEU D 209 -8.79 8.64 -10.79
C LEU D 209 -10.01 9.46 -11.17
N ALA D 210 -9.82 10.41 -12.09
CA ALA D 210 -10.94 11.24 -12.55
C ALA D 210 -11.98 10.35 -13.23
N ILE D 211 -11.54 9.44 -14.09
CA ILE D 211 -12.46 8.51 -14.77
C ILE D 211 -13.16 7.64 -13.74
N ASP D 212 -12.40 7.12 -12.79
CA ASP D 212 -12.95 6.26 -11.76
C ASP D 212 -14.08 6.94 -10.98
N ASN D 213 -13.94 8.24 -10.74
CA ASN D 213 -14.90 8.96 -9.93
C ASN D 213 -15.98 9.70 -10.73
N GLY D 214 -16.00 9.51 -12.05
CA GLY D 214 -17.00 10.15 -12.91
C GLY D 214 -16.82 11.66 -13.01
N ASN D 215 -15.59 12.11 -12.86
CA ASN D 215 -15.30 13.54 -12.99
C ASN D 215 -14.88 13.88 -14.42
N GLU D 216 -15.89 14.08 -15.28
CA GLU D 216 -15.70 14.29 -16.72
C GLU D 216 -14.92 15.53 -17.14
N ASP D 217 -15.28 16.67 -16.58
CA ASP D 217 -14.60 17.91 -16.95
C ASP D 217 -13.12 17.81 -16.60
N ILE D 218 -12.85 17.26 -15.42
CA ILE D 218 -11.47 17.07 -14.98
C ILE D 218 -10.73 16.10 -15.91
N ALA D 219 -11.37 14.99 -16.29
CA ALA D 219 -10.72 14.02 -17.16
C ALA D 219 -10.35 14.66 -18.50
N GLU D 220 -11.24 15.49 -19.01
CA GLU D 220 -11.01 16.20 -20.27
C GLU D 220 -9.85 17.17 -20.18
N VAL D 221 -9.81 17.92 -19.10
CA VAL D 221 -8.71 18.85 -18.89
C VAL D 221 -7.39 18.10 -18.82
N LEU D 222 -7.38 16.99 -18.10
CA LEU D 222 -6.14 16.21 -17.98
C LEU D 222 -5.70 15.62 -19.30
N GLN D 223 -6.66 15.13 -20.08
CA GLN D 223 -6.37 14.54 -21.38
C GLN D 223 -5.77 15.55 -22.36
N LYS D 224 -6.36 16.74 -22.38
CA LYS D 224 -5.88 17.82 -23.24
C LYS D 224 -4.48 18.25 -22.81
N ALA D 225 -4.23 18.27 -21.50
CA ALA D 225 -2.89 18.57 -20.98
C ALA D 225 -1.89 17.53 -21.43
N ALA D 226 -2.27 16.26 -21.32
CA ALA D 226 -1.38 15.17 -21.73
C ALA D 226 -0.94 15.32 -23.17
N ARG D 227 -1.89 15.61 -24.06
CA ARG D 227 -1.58 15.82 -25.46
C ARG D 227 -0.76 17.10 -25.70
N SER D 228 -1.06 18.15 -24.95
CA SER D 228 -0.24 19.36 -25.00
C SER D 228 1.26 18.99 -24.85
N HIS D 229 1.56 18.05 -23.95
CA HIS D 229 2.96 17.69 -23.70
C HIS D 229 3.53 16.87 -24.86
N HIS D 230 2.67 16.27 -25.66
CA HIS D 230 3.09 15.43 -26.78
C HIS D 230 3.93 16.23 -27.78
C ACT E . -21.39 16.49 2.57
O ACT E . -22.55 16.58 3.00
OXT ACT E . -20.46 16.36 3.42
CH3 ACT E . -21.10 16.53 1.10
H1 ACT E . -20.03 16.44 0.93
H2 ACT E . -21.44 17.48 0.68
H3 ACT E . -21.61 15.72 0.60
C ACT F . -1.24 -0.89 -1.70
O ACT F . -1.76 -1.01 -2.84
OXT ACT F . -1.89 -0.23 -0.86
CH3 ACT F . 0.08 -1.49 -1.35
H1 ACT F . 0.34 -1.26 -0.32
H2 ACT F . 0.85 -1.07 -2.01
H3 ACT F . 0.04 -2.56 -1.49
C ACT G . 24.33 -13.91 1.65
O ACT G . 25.05 -13.11 0.99
OXT ACT G . 23.67 -13.40 2.59
CH3 ACT G . 24.27 -15.38 1.35
H1 ACT G . 23.59 -15.86 2.05
H2 ACT G . 25.26 -15.82 1.45
H3 ACT G . 23.90 -15.52 0.33
#